data_2WW8
#
_entry.id   2WW8
#
_cell.length_a   51.081
_cell.length_b   82.700
_cell.length_c   299.338
_cell.angle_alpha   90.00
_cell.angle_beta   90.00
_cell.angle_gamma   90.00
#
_symmetry.space_group_name_H-M   'P 21 21 21'
#
loop_
_entity.id
_entity.type
_entity.pdbx_description
1 polymer 'CELL WALL SURFACE ANCHOR FAMILY PROTEIN'
2 non-polymer 'MAGNESIUM ION'
3 non-polymer 'CALCIUM ION'
4 non-polymer '4-(2-HYDROXYETHYL)-1-PIPERAZINE ETHANESULFONIC ACID'
5 water water
#
_entity_poly.entity_id   1
_entity_poly.type   'polypeptide(L)'
_entity_poly.pdbx_seq_one_letter_code
;MLNRETHMKKVRKIFQKAVAGLCCISQLTAFSSIVALAETPETSPAIGKVVIKETGEGGALLGDAVFELKNNTDGTTVSQ
RTEAQTGEAIFSNIKPGTYTLTEAQPPVGYKPSTKQWTVEVEKNGRTTVQGEQVENREEALSDQYPQTGTYPDVQTPYQI
IKVDGSEKNGQHKALNPNPYERVIPEGTLSKRIYQVNNLDDNQYGIELTVSGKTVYEQKDKSVPLDVVILLDNSNSMSNI
RNKNARRAERAGEATRSLIDKITSDSENRVALVTYASTIFDGTEFTVEKGVADKNGKRLNDSLFWNYDQTSFTTNTKDYS
YLKLTNDKNDIVELKNKVPTEAEDHDGNRLMYQFGATFTQKALMKADEILTQQARQNSQKVIFHITDGVPTMSYPINFNH
ATFAPSYQNQLNAFFSKSPNKDGILLSDFITQATSGEHTIVRGDGQSYQMFTDKTVYEKGAPAAFPVKPEKYSEMKAAGY
AVIGDPINGGYIWLNWRESILAYPFNSNTAKITNHGDPTRWYYNGNIAPDGYDVFTVGIGINGDPGTDEATATSFMQSIS
SKPENYTNVTDTTKILEQLNRYFHTIVTEKKSIENGTITDPMGELIDLQLGTDGRFDPADYTLTANDGSRLENGQAVGGP
QNDGGLLKNAKVLYDTTEKRIRVTGLYLGTDEKVTLTYNVRLNDEFVSNKFYDTNGRTTLHPKEVEQNTVRDFPIPKIRD
VRKYPEITISKEKKLGDIEFIKVNKNDKKPLRGAVFSLQKQHPDYPDIYGAIDQNGTYQNVRTGEDGKLTFKNLSDGKYR
LFENSEPAGYKPVQNKPIVAFQIVNGEVRDVTSIVPQDIPAGYEFTNDKHYITNEPIPPKREYPRTGGIGMLPFYLIGCM
MMGGVLLYTRKHP
;
_entity_poly.pdbx_strand_id   A
#
# COMPACT_ATOMS: atom_id res chain seq x y z
N ALA A 46 -37.59 9.89 13.07
CA ALA A 46 -37.09 9.11 14.24
C ALA A 46 -35.72 9.66 14.69
N ILE A 47 -35.29 10.83 14.19
CA ILE A 47 -33.92 11.22 14.48
C ILE A 47 -33.70 12.72 14.80
N GLY A 48 -34.74 13.54 14.71
CA GLY A 48 -34.69 14.92 15.20
C GLY A 48 -34.40 15.06 16.69
N LYS A 49 -33.82 16.17 17.11
CA LYS A 49 -33.50 16.42 18.52
C LYS A 49 -33.39 17.91 18.87
N VAL A 50 -33.96 18.31 20.00
CA VAL A 50 -33.83 19.69 20.50
C VAL A 50 -33.73 19.71 22.03
N VAL A 51 -32.93 20.62 22.56
CA VAL A 51 -32.68 20.67 24.01
C VAL A 51 -32.97 22.11 24.49
N ILE A 52 -33.62 22.27 25.65
CA ILE A 52 -33.88 23.59 26.23
C ILE A 52 -33.29 23.74 27.64
N LYS A 53 -32.49 24.78 27.80
CA LYS A 53 -31.94 25.18 29.09
C LYS A 53 -32.66 26.45 29.55
N GLU A 54 -32.87 26.56 30.87
CA GLU A 54 -33.38 27.77 31.52
C GLU A 54 -32.42 28.34 32.57
N THR A 55 -32.09 29.63 32.42
CA THR A 55 -31.33 30.33 33.46
C THR A 55 -32.12 31.44 34.19
N GLY A 56 -31.63 31.87 35.34
CA GLY A 56 -32.26 32.92 36.14
C GLY A 56 -31.21 33.76 36.83
N GLU A 57 -31.31 33.82 38.16
CA GLU A 57 -30.42 34.57 39.08
C GLU A 57 -29.02 34.91 38.57
N GLY A 58 -28.89 36.05 37.88
CA GLY A 58 -27.66 36.40 37.16
C GLY A 58 -27.49 35.46 35.98
N GLY A 59 -27.22 34.19 36.28
CA GLY A 59 -27.28 33.16 35.25
C GLY A 59 -27.18 31.71 35.71
N ALA A 60 -27.57 31.43 36.95
CA ALA A 60 -27.61 30.05 37.44
C ALA A 60 -28.67 29.20 36.73
N LEU A 61 -28.43 27.89 36.68
CA LEU A 61 -29.30 26.97 35.93
C LEU A 61 -30.53 26.58 36.74
N LEU A 62 -31.68 26.52 36.07
CA LEU A 62 -32.99 26.29 36.69
C LEU A 62 -33.54 24.88 36.43
N GLY A 63 -34.02 24.24 37.50
CA GLY A 63 -34.62 22.91 37.40
C GLY A 63 -36.14 22.94 37.27
N ASP A 64 -36.73 21.79 36.95
CA ASP A 64 -38.17 21.56 37.11
C ASP A 64 -39.13 22.25 36.12
N ALA A 65 -38.60 22.90 35.08
CA ALA A 65 -39.43 23.43 33.98
C ALA A 65 -40.09 22.33 33.13
N VAL A 66 -41.20 22.64 32.47
CA VAL A 66 -42.00 21.62 31.79
C VAL A 66 -42.40 22.06 30.38
N PHE A 67 -41.96 21.29 29.38
CA PHE A 67 -42.17 21.65 27.97
C PHE A 67 -43.05 20.69 27.19
N GLU A 68 -43.67 21.24 26.16
CA GLU A 68 -44.52 20.45 25.25
C GLU A 68 -44.19 20.59 23.78
N LEU A 69 -44.03 19.44 23.13
CA LEU A 69 -43.79 19.41 21.70
C LEU A 69 -44.96 18.74 20.98
N LYS A 70 -45.62 19.51 20.12
CA LYS A 70 -46.79 18.95 19.46
C LYS A 70 -46.68 19.08 17.94
N ASN A 71 -46.95 17.95 17.31
CA ASN A 71 -46.94 17.84 15.88
C ASN A 71 -48.09 18.62 15.21
N ASN A 72 -47.73 19.63 14.44
CA ASN A 72 -48.66 20.48 13.71
C ASN A 72 -49.40 19.90 12.50
N THR A 73 -49.32 18.59 12.25
CA THR A 73 -50.16 18.01 11.22
C THR A 73 -51.05 16.91 11.80
N ASP A 74 -50.57 16.24 12.85
CA ASP A 74 -51.33 15.17 13.50
C ASP A 74 -51.92 15.53 14.88
N GLY A 75 -51.39 16.59 15.51
CA GLY A 75 -51.84 17.03 16.83
C GLY A 75 -51.21 16.31 18.02
N THR A 76 -50.71 15.09 17.80
CA THR A 76 -49.90 14.34 18.77
C THR A 76 -49.03 15.21 19.66
N THR A 77 -48.87 14.79 20.90
CA THR A 77 -48.07 15.56 21.86
C THR A 77 -47.11 14.64 22.61
N VAL A 78 -45.94 15.20 22.97
CA VAL A 78 -45.04 14.59 23.94
C VAL A 78 -44.56 15.74 24.83
N SER A 79 -44.42 15.48 26.13
CA SER A 79 -43.98 16.54 27.03
C SER A 79 -42.73 16.09 27.79
N GLN A 80 -41.86 17.04 28.11
CA GLN A 80 -40.59 16.75 28.75
C GLN A 80 -40.25 17.76 29.86
N ARG A 81 -39.50 17.30 30.84
CA ARG A 81 -39.27 18.03 32.08
C ARG A 81 -37.78 18.27 32.29
N THR A 82 -37.35 19.50 32.57
CA THR A 82 -35.91 19.75 32.70
C THR A 82 -35.23 18.87 33.77
N GLU A 83 -34.35 17.97 33.29
CA GLU A 83 -33.65 16.96 34.08
C GLU A 83 -32.75 17.52 35.17
N ALA A 84 -32.53 16.69 36.20
CA ALA A 84 -32.04 17.13 37.51
C ALA A 84 -30.58 17.57 37.58
N GLN A 85 -29.64 16.70 37.20
CA GLN A 85 -28.21 17.04 37.24
C GLN A 85 -27.81 18.09 36.19
N THR A 86 -27.95 17.72 34.91
CA THR A 86 -27.65 18.56 33.75
C THR A 86 -28.47 19.85 33.51
N GLY A 87 -29.61 20.04 34.19
CA GLY A 87 -30.41 21.24 33.99
C GLY A 87 -31.00 21.45 32.59
N GLU A 88 -31.08 20.36 31.80
CA GLU A 88 -31.56 20.38 30.42
C GLU A 88 -32.89 19.65 30.24
N ALA A 89 -33.77 20.16 29.39
CA ALA A 89 -34.89 19.35 28.93
C ALA A 89 -34.70 18.88 27.47
N ILE A 90 -34.69 17.57 27.26
CA ILE A 90 -34.24 16.99 26.00
C ILE A 90 -35.40 16.28 25.31
N PHE A 91 -35.76 16.71 24.10
CA PHE A 91 -36.60 15.93 23.19
C PHE A 91 -35.79 15.12 22.15
N SER A 92 -35.90 13.79 22.20
CA SER A 92 -35.18 12.87 21.31
C SER A 92 -36.10 12.29 20.22
N ASN A 93 -35.56 11.56 19.25
CA ASN A 93 -36.40 10.77 18.36
C ASN A 93 -37.60 11.46 17.71
N ILE A 94 -37.36 12.69 17.26
CA ILE A 94 -38.41 13.51 16.71
C ILE A 94 -38.49 13.22 15.22
N LYS A 95 -39.72 12.98 14.77
CA LYS A 95 -39.96 12.57 13.40
C LYS A 95 -40.02 13.80 12.52
N PRO A 96 -39.61 13.64 11.25
CA PRO A 96 -39.79 14.65 10.20
C PRO A 96 -41.10 15.46 10.36
N GLY A 97 -41.11 16.75 10.07
CA GLY A 97 -42.31 17.57 10.20
C GLY A 97 -42.12 18.88 10.94
N THR A 98 -43.23 19.52 11.27
CA THR A 98 -43.24 20.85 11.89
C THR A 98 -43.88 20.78 13.27
N TYR A 99 -43.27 21.46 14.24
CA TYR A 99 -43.70 21.36 15.63
C TYR A 99 -43.87 22.75 16.27
N THR A 100 -44.82 22.84 17.20
CA THR A 100 -44.82 23.95 18.16
C THR A 100 -44.36 23.43 19.52
N LEU A 101 -43.39 24.17 20.07
CA LEU A 101 -42.80 24.00 21.40
C LEU A 101 -43.32 25.12 22.32
N THR A 102 -43.87 24.68 23.45
CA THR A 102 -44.44 25.59 24.48
C THR A 102 -43.94 25.19 25.87
N GLU A 103 -43.70 26.22 26.66
CA GLU A 103 -43.51 26.04 28.10
C GLU A 103 -44.88 25.80 28.77
N ALA A 104 -45.08 24.60 29.32
CA ALA A 104 -46.33 24.29 30.00
C ALA A 104 -46.31 24.89 31.41
N GLN A 105 -45.28 24.56 32.19
CA GLN A 105 -45.02 25.26 33.45
C GLN A 105 -43.55 25.72 33.56
N PRO A 106 -43.31 26.95 34.08
CA PRO A 106 -41.98 27.48 34.41
C PRO A 106 -41.48 26.97 35.77
N PRO A 107 -40.18 27.14 36.10
CA PRO A 107 -39.71 26.78 37.46
C PRO A 107 -40.40 27.62 38.53
N VAL A 108 -40.41 27.14 39.76
CA VAL A 108 -41.04 27.89 40.85
C VAL A 108 -40.20 29.14 41.13
N GLY A 109 -40.87 30.30 41.22
CA GLY A 109 -40.18 31.58 41.36
C GLY A 109 -40.16 32.45 40.12
N TYR A 110 -40.34 31.84 38.94
CA TYR A 110 -40.14 32.49 37.64
C TYR A 110 -41.42 32.71 36.82
N LYS A 111 -41.49 33.85 36.13
CA LYS A 111 -42.58 34.15 35.19
C LYS A 111 -42.74 33.09 34.11
N PRO A 112 -43.98 32.85 33.63
CA PRO A 112 -44.14 31.98 32.46
C PRO A 112 -43.62 32.69 31.22
N SER A 113 -43.37 31.93 30.15
CA SER A 113 -42.96 32.50 28.86
C SER A 113 -44.16 32.82 27.96
N THR A 114 -44.17 33.99 27.34
CA THR A 114 -45.25 34.35 26.42
C THR A 114 -45.02 33.80 25.00
N LYS A 115 -43.93 33.05 24.84
CA LYS A 115 -43.39 32.68 23.52
C LYS A 115 -43.58 31.21 23.20
N GLN A 116 -44.02 30.99 21.96
CA GLN A 116 -44.16 29.66 21.37
C GLN A 116 -43.14 29.50 20.25
N TRP A 117 -42.36 28.43 20.28
CA TRP A 117 -41.33 28.23 19.24
C TRP A 117 -41.74 27.21 18.17
N THR A 118 -41.36 27.49 16.93
CA THR A 118 -41.52 26.53 15.85
C THR A 118 -40.27 25.66 15.65
N VAL A 119 -40.50 24.36 15.52
CA VAL A 119 -39.42 23.38 15.40
C VAL A 119 -39.68 22.48 14.19
N GLU A 120 -38.93 22.74 13.11
CA GLU A 120 -38.92 21.87 11.93
C GLU A 120 -37.82 20.79 11.97
N VAL A 121 -38.23 19.54 11.77
CA VAL A 121 -37.32 18.42 11.56
C VAL A 121 -37.42 17.94 10.10
N GLU A 122 -36.29 18.07 9.39
CA GLU A 122 -36.19 17.67 7.97
C GLU A 122 -36.22 16.16 7.80
N LYS A 123 -36.51 15.69 6.59
CA LYS A 123 -36.43 14.27 6.25
C LYS A 123 -35.15 13.52 6.68
N ASN A 124 -34.00 14.23 6.70
CA ASN A 124 -32.71 13.73 7.22
C ASN A 124 -32.38 13.92 8.71
N GLY A 125 -33.37 14.38 9.49
CA GLY A 125 -33.23 14.61 10.94
C GLY A 125 -32.59 15.92 11.38
N ARG A 126 -32.46 16.85 10.45
CA ARG A 126 -31.93 18.17 10.73
C ARG A 126 -32.98 18.98 11.49
N THR A 127 -32.62 19.37 12.70
CA THR A 127 -33.55 20.05 13.61
C THR A 127 -33.27 21.55 13.70
N THR A 128 -34.27 22.35 13.31
CA THR A 128 -34.13 23.81 13.35
C THR A 128 -35.20 24.45 14.23
N VAL A 129 -34.81 25.41 15.08
CA VAL A 129 -35.79 26.18 15.83
C VAL A 129 -35.99 27.51 15.11
N GLN A 130 -37.13 27.73 14.45
CA GLN A 130 -37.28 28.81 13.45
C GLN A 130 -37.09 30.22 14.02
N GLY A 131 -36.40 31.07 13.26
CA GLY A 131 -36.06 32.42 13.72
C GLY A 131 -35.61 32.55 15.16
N GLU A 132 -34.67 31.70 15.57
CA GLU A 132 -34.15 31.75 16.94
C GLU A 132 -32.64 31.50 17.04
N GLN A 133 -31.96 32.33 17.82
CA GLN A 133 -30.56 32.07 18.16
C GLN A 133 -30.41 30.91 19.16
N VAL A 134 -29.47 30.01 18.86
CA VAL A 134 -29.20 28.82 19.66
C VAL A 134 -27.72 28.48 19.58
N GLU A 135 -27.23 27.63 20.48
CA GLU A 135 -25.95 26.95 20.32
C GLU A 135 -26.20 25.61 19.60
N ASN A 136 -25.38 25.25 18.63
CA ASN A 136 -25.45 23.87 18.15
C ASN A 136 -24.46 23.04 18.93
N ARG A 137 -24.90 21.93 19.52
CA ARG A 137 -24.05 21.20 20.44
C ARG A 137 -23.48 19.90 19.85
N GLU A 138 -22.24 19.58 20.21
CA GLU A 138 -21.60 18.32 19.83
C GLU A 138 -22.50 17.16 20.20
N GLU A 139 -22.73 16.25 19.25
CA GLU A 139 -23.38 14.98 19.51
C GLU A 139 -22.37 13.82 19.35
N ALA A 140 -22.54 12.74 20.11
CA ALA A 140 -21.65 11.59 20.09
C ALA A 140 -22.01 10.73 18.88
N LEU A 141 -21.01 10.12 18.26
CA LEU A 141 -21.20 9.24 17.10
C LEU A 141 -21.70 7.88 17.58
N SER A 142 -22.52 7.18 16.80
CA SER A 142 -22.94 5.84 17.19
C SER A 142 -21.80 4.82 17.04
N ASP A 143 -21.97 3.65 17.66
CA ASP A 143 -21.03 2.53 17.55
C ASP A 143 -21.38 1.45 16.52
N GLN A 144 -22.21 1.82 15.54
CA GLN A 144 -22.59 0.97 14.41
C GLN A 144 -21.72 1.12 13.16
N TYR A 145 -21.13 0.02 12.70
CA TYR A 145 -20.24 0.03 11.54
C TYR A 145 -20.61 -1.12 10.63
N PRO A 146 -20.71 -0.86 9.32
CA PRO A 146 -20.74 -2.06 8.46
C PRO A 146 -19.36 -2.71 8.41
N GLN A 147 -19.34 -4.01 8.22
CA GLN A 147 -18.13 -4.79 8.35
C GLN A 147 -17.55 -5.31 7.02
N THR A 148 -18.38 -5.33 5.98
CA THR A 148 -17.99 -5.87 4.67
C THR A 148 -18.59 -5.03 3.54
N GLY A 149 -17.89 -5.00 2.41
CA GLY A 149 -18.50 -4.65 1.15
C GLY A 149 -18.52 -5.92 0.29
N THR A 150 -19.17 -5.84 -0.88
CA THR A 150 -19.26 -6.93 -1.86
C THR A 150 -18.85 -6.39 -3.25
N TYR A 151 -17.85 -7.03 -3.87
CA TYR A 151 -17.44 -6.70 -5.24
C TYR A 151 -18.52 -7.08 -6.19
N PRO A 152 -19.03 -6.12 -6.96
CA PRO A 152 -20.13 -6.53 -7.87
C PRO A 152 -19.70 -7.56 -8.92
N ASP A 153 -18.50 -7.45 -9.48
CA ASP A 153 -18.09 -8.20 -10.65
C ASP A 153 -18.17 -9.72 -10.39
N VAL A 154 -17.61 -10.18 -9.27
CA VAL A 154 -17.61 -11.61 -8.95
C VAL A 154 -18.23 -11.87 -7.60
N GLN A 155 -18.81 -10.85 -6.97
CA GLN A 155 -19.77 -11.11 -5.91
C GLN A 155 -19.13 -11.64 -4.62
N THR A 156 -17.89 -11.27 -4.32
CA THR A 156 -17.22 -11.75 -3.11
C THR A 156 -17.08 -10.63 -2.05
N PRO A 157 -17.19 -10.98 -0.74
CA PRO A 157 -17.13 -9.95 0.33
C PRO A 157 -15.73 -9.39 0.52
N TYR A 158 -15.60 -8.14 0.93
CA TYR A 158 -14.26 -7.73 1.36
C TYR A 158 -14.46 -7.02 2.68
N GLN A 159 -13.46 -7.04 3.56
CA GLN A 159 -13.54 -6.44 4.87
C GLN A 159 -13.38 -4.91 4.83
N ILE A 160 -13.89 -4.25 5.88
CA ILE A 160 -13.94 -2.80 5.97
C ILE A 160 -13.40 -2.46 7.35
N ILE A 161 -12.43 -1.55 7.45
CA ILE A 161 -11.81 -1.14 8.72
C ILE A 161 -11.76 0.37 8.93
N LYS A 162 -11.71 0.74 10.21
CA LYS A 162 -11.64 2.13 10.64
C LYS A 162 -10.37 2.83 10.17
N VAL A 163 -10.57 4.05 9.72
CA VAL A 163 -9.46 4.81 9.12
C VAL A 163 -8.82 5.62 10.24
N ASP A 164 -7.50 5.51 10.38
CA ASP A 164 -6.78 6.27 11.42
C ASP A 164 -6.76 7.76 11.05
N GLY A 165 -6.95 8.62 12.04
CA GLY A 165 -7.13 10.06 11.85
C GLY A 165 -8.60 10.47 11.76
N SER A 166 -9.51 9.50 11.72
CA SER A 166 -10.96 9.79 11.71
C SER A 166 -11.69 9.60 13.05
N GLU A 167 -10.91 9.28 14.11
CA GLU A 167 -11.44 9.08 15.46
C GLU A 167 -11.99 10.40 16.00
N LYS A 168 -13.21 10.34 16.52
CA LYS A 168 -13.85 11.47 17.22
C LYS A 168 -14.55 10.98 18.48
N ASN A 169 -13.84 11.13 19.60
CA ASN A 169 -14.41 10.79 20.90
C ASN A 169 -14.76 9.31 21.05
N GLY A 170 -13.80 8.45 20.68
CA GLY A 170 -13.97 7.01 20.84
C GLY A 170 -14.61 6.32 19.65
N GLN A 171 -15.15 7.08 18.69
CA GLN A 171 -15.74 6.46 17.50
C GLN A 171 -15.11 6.98 16.22
N HIS A 172 -15.35 6.31 15.09
CA HIS A 172 -14.68 6.67 13.85
C HIS A 172 -15.67 7.18 12.80
N LYS A 173 -15.18 8.13 12.01
CA LYS A 173 -15.94 8.78 10.96
C LYS A 173 -15.75 8.21 9.54
N ALA A 174 -14.76 7.35 9.39
CA ALA A 174 -14.41 6.85 8.07
C ALA A 174 -13.85 5.44 8.11
N LEU A 175 -14.11 4.71 7.02
CA LEU A 175 -13.78 3.29 6.81
C LEU A 175 -13.12 3.07 5.44
N ASN A 176 -12.06 2.26 5.45
CA ASN A 176 -11.39 1.84 4.25
C ASN A 176 -11.63 0.33 4.07
N PRO A 177 -11.62 -0.10 2.81
CA PRO A 177 -11.53 -1.52 2.53
C PRO A 177 -10.20 -2.01 3.04
N ASN A 178 -10.20 -3.31 3.39
CA ASN A 178 -8.97 -3.97 3.78
C ASN A 178 -8.87 -5.41 3.32
N PRO A 179 -7.82 -5.74 2.53
CA PRO A 179 -6.90 -4.74 1.97
C PRO A 179 -7.51 -3.79 0.95
N TYR A 180 -6.83 -2.67 0.70
CA TYR A 180 -7.39 -1.62 -0.11
C TYR A 180 -6.85 -1.89 -1.51
N GLU A 181 -5.82 -2.72 -1.62
CA GLU A 181 -5.32 -3.17 -2.90
C GLU A 181 -5.82 -4.58 -3.27
N ARG A 182 -6.35 -4.70 -4.49
CA ARG A 182 -6.93 -5.93 -5.01
C ARG A 182 -6.06 -6.50 -6.13
N VAL A 183 -5.74 -7.80 -6.04
CA VAL A 183 -5.11 -8.52 -7.14
C VAL A 183 -6.16 -8.83 -8.23
N ILE A 184 -5.83 -8.51 -9.49
CA ILE A 184 -6.64 -8.90 -10.61
C ILE A 184 -5.80 -9.55 -11.70
N PRO A 185 -6.47 -10.21 -12.66
CA PRO A 185 -5.66 -10.93 -13.67
C PRO A 185 -4.76 -9.95 -14.41
N GLU A 186 -5.16 -8.69 -14.57
CA GLU A 186 -4.38 -7.70 -15.30
C GLU A 186 -3.30 -7.00 -14.46
N GLY A 187 -3.25 -7.27 -13.16
CA GLY A 187 -2.26 -6.60 -12.30
C GLY A 187 -2.83 -6.35 -10.94
N THR A 188 -2.90 -5.09 -10.51
CA THR A 188 -3.55 -4.80 -9.24
C THR A 188 -4.31 -3.46 -9.38
N LEU A 189 -5.28 -3.22 -8.51
CA LEU A 189 -5.91 -1.93 -8.46
C LEU A 189 -6.13 -1.63 -6.98
N SER A 190 -6.38 -0.35 -6.67
CA SER A 190 -6.53 0.05 -5.26
C SER A 190 -7.33 1.32 -5.15
N LYS A 191 -8.08 1.44 -4.06
CA LYS A 191 -8.84 2.64 -3.75
C LYS A 191 -8.91 2.80 -2.24
N ARG A 192 -8.61 4.00 -1.73
CA ARG A 192 -8.70 4.21 -0.27
C ARG A 192 -8.83 5.70 0.04
N ILE A 193 -9.25 6.00 1.25
CA ILE A 193 -9.03 7.33 1.82
C ILE A 193 -7.57 7.25 2.25
N TYR A 194 -6.69 8.15 1.76
CA TYR A 194 -5.29 8.11 2.20
C TYR A 194 -4.91 9.23 3.18
N GLN A 195 -5.82 10.18 3.34
CA GLN A 195 -5.66 11.19 4.35
C GLN A 195 -6.99 11.86 4.70
N VAL A 196 -7.04 12.34 5.93
CA VAL A 196 -8.13 13.14 6.46
C VAL A 196 -7.62 14.59 6.32
N ASN A 197 -8.30 15.38 5.48
CA ASN A 197 -7.94 16.79 5.30
C ASN A 197 -8.48 17.69 6.37
N ASN A 198 -9.73 17.47 6.75
CA ASN A 198 -10.30 18.26 7.84
C ASN A 198 -11.43 17.43 8.43
N LEU A 199 -11.19 16.88 9.63
CA LEU A 199 -12.12 15.93 10.20
C LEU A 199 -13.49 16.51 10.52
N ASP A 200 -13.48 17.67 11.20
CA ASP A 200 -14.69 18.39 11.61
C ASP A 200 -15.52 18.84 10.44
N ASP A 201 -14.88 19.07 9.31
CA ASP A 201 -15.61 19.43 8.12
C ASP A 201 -15.82 18.30 7.09
N ASN A 202 -15.49 17.08 7.47
CA ASN A 202 -15.71 15.90 6.62
C ASN A 202 -15.05 15.89 5.25
N GLN A 203 -13.77 16.27 5.21
CA GLN A 203 -12.99 16.47 4.00
C GLN A 203 -11.89 15.43 4.01
N TYR A 204 -11.80 14.68 2.91
CA TYR A 204 -10.83 13.59 2.81
C TYR A 204 -10.17 13.58 1.46
N GLY A 205 -8.94 13.05 1.47
CA GLY A 205 -8.26 12.74 0.22
C GLY A 205 -8.45 11.28 -0.20
N ILE A 206 -8.70 11.06 -1.50
CA ILE A 206 -8.96 9.75 -2.05
C ILE A 206 -7.81 9.44 -3.01
N GLU A 207 -7.37 8.19 -2.98
CA GLU A 207 -6.31 7.69 -3.86
C GLU A 207 -6.76 6.40 -4.55
N LEU A 208 -6.54 6.31 -5.86
CA LEU A 208 -6.77 5.13 -6.73
C LEU A 208 -5.43 4.84 -7.38
N THR A 209 -5.08 3.56 -7.47
CA THR A 209 -3.91 3.16 -8.21
C THR A 209 -4.28 1.97 -9.12
N VAL A 210 -3.49 1.80 -10.19
CA VAL A 210 -3.65 0.69 -11.12
C VAL A 210 -2.23 0.33 -11.55
N SER A 211 -1.94 -0.98 -11.53
CA SER A 211 -0.65 -1.46 -12.01
CA SER A 211 -0.66 -1.49 -11.97
C SER A 211 -0.95 -2.58 -12.98
N GLY A 212 -0.13 -2.68 -14.02
CA GLY A 212 -0.39 -3.65 -15.10
C GLY A 212 0.44 -4.93 -15.02
N LYS A 213 0.37 -5.68 -16.11
CA LYS A 213 1.09 -6.94 -16.22
C LYS A 213 1.57 -7.09 -17.67
N THR A 214 2.81 -7.53 -17.83
CA THR A 214 3.32 -7.87 -19.14
C THR A 214 3.11 -9.39 -19.37
N VAL A 215 2.46 -9.75 -20.49
CA VAL A 215 2.15 -11.14 -20.87
C VAL A 215 2.99 -11.51 -22.08
N TYR A 216 3.73 -12.62 -22.02
CA TYR A 216 4.48 -13.07 -23.17
C TYR A 216 3.69 -14.23 -23.78
N GLU A 217 3.52 -14.27 -25.10
CA GLU A 217 2.75 -15.38 -25.65
C GLU A 217 3.60 -16.03 -26.73
N GLN A 218 3.62 -17.36 -26.75
CA GLN A 218 4.42 -18.04 -27.74
C GLN A 218 3.68 -17.97 -29.06
N LYS A 219 4.44 -18.21 -30.12
CA LYS A 219 3.80 -18.23 -31.43
C LYS A 219 2.64 -19.27 -31.49
N ASP A 220 2.71 -20.30 -30.63
CA ASP A 220 1.62 -21.26 -30.43
C ASP A 220 1.21 -21.46 -28.96
N LYS A 221 0.05 -20.95 -28.56
CA LYS A 221 -0.31 -20.84 -27.12
C LYS A 221 -0.32 -22.15 -26.32
N SER A 222 -0.70 -23.22 -27.03
CA SER A 222 -0.75 -24.55 -26.44
C SER A 222 0.62 -25.20 -26.23
N VAL A 223 1.69 -24.50 -26.64
CA VAL A 223 3.04 -25.01 -26.54
C VAL A 223 3.83 -24.12 -25.57
N PRO A 224 3.98 -24.58 -24.31
CA PRO A 224 4.74 -23.83 -23.33
C PRO A 224 6.23 -24.06 -23.60
N LEU A 225 7.05 -23.33 -22.85
CA LEU A 225 8.53 -23.43 -22.98
C LEU A 225 9.16 -24.26 -21.89
N ASP A 226 10.14 -25.07 -22.26
CA ASP A 226 11.06 -25.79 -21.37
C ASP A 226 12.46 -25.24 -21.70
N VAL A 227 13.06 -24.54 -20.75
CA VAL A 227 14.23 -23.72 -21.00
C VAL A 227 15.39 -24.13 -20.07
N VAL A 228 16.57 -24.36 -20.66
CA VAL A 228 17.77 -24.48 -19.82
C VAL A 228 18.65 -23.22 -20.04
N ILE A 229 19.12 -22.64 -18.94
CA ILE A 229 20.11 -21.53 -19.06
C ILE A 229 21.49 -22.05 -18.72
N LEU A 230 22.46 -21.87 -19.61
CA LEU A 230 23.82 -22.31 -19.32
C LEU A 230 24.63 -21.08 -19.04
N LEU A 231 25.35 -21.05 -17.94
CA LEU A 231 25.96 -19.79 -17.54
C LEU A 231 27.46 -20.04 -17.20
N ASP A 232 28.33 -19.44 -17.98
CA ASP A 232 29.80 -19.51 -17.78
C ASP A 232 30.18 -18.80 -16.47
N ASN A 233 30.86 -19.54 -15.58
CA ASN A 233 31.36 -18.95 -14.32
C ASN A 233 32.91 -19.12 -14.28
N SER A 234 33.56 -19.09 -15.44
CA SER A 234 35.03 -19.22 -15.54
C SER A 234 35.70 -17.99 -14.83
N ASN A 235 37.00 -18.09 -14.51
CA ASN A 235 37.70 -17.05 -13.75
C ASN A 235 37.62 -15.66 -14.40
N SER A 236 37.73 -15.61 -15.74
CA SER A 236 37.62 -14.37 -16.50
C SER A 236 36.31 -13.62 -16.23
N MET A 237 35.28 -14.32 -15.70
CA MET A 237 34.04 -13.58 -15.35
C MET A 237 34.15 -12.75 -14.08
N SER A 238 35.19 -12.96 -13.27
CA SER A 238 35.44 -12.16 -12.07
C SER A 238 35.17 -10.67 -12.25
N ASN A 239 34.45 -10.05 -11.32
CA ASN A 239 33.83 -8.75 -11.56
C ASN A 239 34.89 -7.65 -11.79
N ILE A 240 36.03 -7.80 -11.08
CA ILE A 240 37.05 -6.74 -11.10
C ILE A 240 37.88 -6.99 -12.38
N ARG A 241 37.81 -8.18 -12.99
CA ARG A 241 38.64 -8.35 -14.20
C ARG A 241 38.15 -7.54 -15.37
N ASN A 242 38.95 -7.51 -16.44
CA ASN A 242 38.51 -6.88 -17.70
C ASN A 242 38.23 -5.40 -17.51
N LYS A 243 39.08 -4.73 -16.72
CA LYS A 243 38.88 -3.32 -16.33
C LYS A 243 37.59 -3.13 -15.52
N ASN A 244 37.39 -4.02 -14.54
CA ASN A 244 36.17 -3.89 -13.72
C ASN A 244 34.87 -3.97 -14.55
N ALA A 245 34.86 -4.82 -15.56
CA ALA A 245 33.65 -4.97 -16.36
C ALA A 245 32.45 -5.60 -15.61
N ARG A 246 32.63 -6.16 -14.42
CA ARG A 246 31.51 -6.68 -13.63
C ARG A 246 30.81 -7.83 -14.39
N ARG A 247 31.56 -8.68 -15.09
CA ARG A 247 30.95 -9.70 -15.90
C ARG A 247 29.99 -10.61 -15.13
N ALA A 248 30.47 -11.18 -14.03
CA ALA A 248 29.68 -12.16 -13.27
C ALA A 248 28.39 -11.52 -12.75
N GLU A 249 28.54 -10.34 -12.14
CA GLU A 249 27.37 -9.77 -11.53
C GLU A 249 26.32 -9.38 -12.57
N ARG A 250 26.76 -8.83 -13.69
CA ARG A 250 25.81 -8.42 -14.68
C ARG A 250 25.17 -9.60 -15.41
N ALA A 251 25.92 -10.65 -15.70
CA ALA A 251 25.36 -11.85 -16.34
C ALA A 251 24.42 -12.50 -15.37
N GLY A 252 24.74 -12.50 -14.06
CA GLY A 252 23.86 -13.06 -13.02
C GLY A 252 22.58 -12.26 -12.86
N GLU A 253 22.67 -10.93 -12.77
CA GLU A 253 21.44 -10.12 -12.72
C GLU A 253 20.59 -10.29 -14.00
N ALA A 254 21.22 -10.37 -15.18
CA ALA A 254 20.50 -10.57 -16.43
C ALA A 254 19.80 -11.97 -16.40
N THR A 255 20.51 -13.00 -15.93
CA THR A 255 19.93 -14.34 -15.83
C THR A 255 18.66 -14.35 -14.95
N ARG A 256 18.78 -13.77 -13.75
CA ARG A 256 17.66 -13.65 -12.83
C ARG A 256 16.48 -12.95 -13.50
N SER A 257 16.71 -11.87 -14.26
CA SER A 257 15.60 -11.15 -14.90
CA SER A 257 15.63 -11.13 -14.93
C SER A 257 14.97 -11.96 -16.02
N LEU A 258 15.78 -12.68 -16.78
CA LEU A 258 15.29 -13.57 -17.81
C LEU A 258 14.43 -14.72 -17.20
N ILE A 259 14.88 -15.31 -16.10
CA ILE A 259 14.10 -16.28 -15.37
C ILE A 259 12.72 -15.64 -15.03
N ASP A 260 12.71 -14.44 -14.47
CA ASP A 260 11.43 -13.77 -14.15
C ASP A 260 10.54 -13.66 -15.39
N LYS A 261 11.07 -13.31 -16.55
CA LYS A 261 10.25 -13.15 -17.74
C LYS A 261 9.74 -14.52 -18.22
N ILE A 262 10.62 -15.53 -18.27
CA ILE A 262 10.18 -16.88 -18.68
C ILE A 262 9.10 -17.43 -17.77
N THR A 263 9.23 -17.20 -16.45
CA THR A 263 8.36 -17.92 -15.53
C THR A 263 7.17 -17.06 -15.13
N SER A 264 7.03 -15.87 -15.69
CA SER A 264 5.81 -15.08 -15.47
C SER A 264 4.62 -15.82 -16.09
N ASP A 265 4.82 -16.63 -17.13
CA ASP A 265 3.78 -17.61 -17.46
C ASP A 265 4.03 -18.91 -16.64
N SER A 266 3.11 -19.27 -15.75
CA SER A 266 3.26 -20.46 -14.89
C SER A 266 3.36 -21.82 -15.65
N GLU A 267 3.01 -21.89 -16.92
CA GLU A 267 3.28 -23.12 -17.68
C GLU A 267 4.73 -23.41 -18.11
N ASN A 268 5.59 -22.38 -18.06
CA ASN A 268 6.91 -22.49 -18.66
C ASN A 268 7.76 -23.11 -17.56
N ARG A 269 8.85 -23.81 -17.90
CA ARG A 269 9.69 -24.37 -16.87
C ARG A 269 11.13 -23.97 -17.19
N VAL A 270 11.98 -23.84 -16.16
CA VAL A 270 13.38 -23.44 -16.31
CA VAL A 270 13.40 -23.50 -16.37
C VAL A 270 14.31 -24.33 -15.45
N ALA A 271 15.53 -24.49 -15.92
CA ALA A 271 16.61 -25.12 -15.16
C ALA A 271 17.86 -24.27 -15.42
N LEU A 272 18.94 -24.46 -14.66
CA LEU A 272 20.11 -23.58 -14.62
C LEU A 272 21.32 -24.48 -14.50
N VAL A 273 22.24 -24.31 -15.44
CA VAL A 273 23.50 -25.04 -15.39
C VAL A 273 24.61 -23.98 -15.37
N THR A 274 25.36 -23.95 -14.28
CA THR A 274 26.55 -23.12 -14.21
C THR A 274 27.80 -23.98 -14.41
N TYR A 275 28.74 -23.49 -15.22
CA TYR A 275 29.91 -24.32 -15.58
C TYR A 275 31.22 -23.53 -15.63
N ALA A 276 32.31 -24.27 -15.48
CA ALA A 276 33.64 -23.72 -15.80
C ALA A 276 34.44 -24.96 -16.18
N SER A 277 35.43 -25.43 -15.38
CA SER A 277 36.11 -26.67 -15.76
C SER A 277 35.20 -27.89 -15.60
N THR A 278 34.10 -27.71 -14.86
CA THR A 278 33.08 -28.76 -14.69
C THR A 278 31.77 -28.04 -14.42
N ILE A 279 30.71 -28.83 -14.28
CA ILE A 279 29.42 -28.29 -13.90
C ILE A 279 29.48 -27.90 -12.42
N PHE A 280 29.14 -26.66 -12.08
CA PHE A 280 29.23 -26.22 -10.71
C PHE A 280 27.96 -26.61 -9.93
N ASP A 281 27.96 -27.80 -9.35
CA ASP A 281 26.76 -28.42 -8.80
C ASP A 281 26.97 -28.89 -7.37
N GLY A 282 28.08 -28.53 -6.75
CA GLY A 282 28.26 -28.88 -5.34
C GLY A 282 28.98 -30.18 -5.06
N THR A 283 29.16 -30.99 -6.11
CA THR A 283 29.77 -32.31 -5.95
C THR A 283 31.28 -32.22 -5.91
N GLU A 284 31.88 -33.28 -5.37
CA GLU A 284 33.34 -33.36 -5.35
C GLU A 284 33.89 -33.60 -6.73
N PHE A 285 34.94 -32.86 -7.12
CA PHE A 285 35.55 -32.99 -8.44
C PHE A 285 37.06 -32.85 -8.33
N THR A 286 37.80 -33.39 -9.30
CA THR A 286 39.25 -33.36 -9.40
C THR A 286 39.61 -32.78 -10.77
N VAL A 287 40.55 -31.84 -10.77
CA VAL A 287 41.19 -31.35 -12.01
C VAL A 287 42.69 -31.61 -11.92
N GLU A 288 43.35 -31.76 -13.07
CA GLU A 288 44.79 -31.82 -13.13
C GLU A 288 45.39 -30.58 -13.74
N LYS A 289 46.60 -30.26 -13.26
CA LYS A 289 47.31 -29.10 -13.76
C LYS A 289 48.81 -29.43 -13.90
N GLY A 290 49.56 -28.55 -14.57
CA GLY A 290 51.00 -28.69 -14.60
C GLY A 290 51.45 -29.16 -15.98
N VAL A 291 52.77 -29.23 -16.06
CA VAL A 291 53.50 -29.59 -17.29
C VAL A 291 54.23 -30.91 -17.01
N ALA A 292 55.20 -31.25 -17.85
CA ALA A 292 55.86 -32.53 -17.68
C ALA A 292 57.32 -32.37 -18.09
N ASP A 293 58.20 -33.26 -17.64
CA ASP A 293 59.53 -33.22 -18.17
C ASP A 293 59.56 -34.01 -19.49
N LYS A 294 60.73 -34.12 -20.12
CA LYS A 294 60.76 -34.81 -21.42
C LYS A 294 60.44 -36.33 -21.42
N ASN A 295 60.48 -37.03 -20.28
CA ASN A 295 60.01 -38.42 -20.19
C ASN A 295 58.54 -38.51 -19.76
N GLY A 296 57.85 -37.37 -19.72
CA GLY A 296 56.47 -37.26 -19.29
C GLY A 296 56.13 -37.28 -17.79
N LYS A 297 57.13 -37.16 -16.93
CA LYS A 297 56.92 -37.12 -15.50
C LYS A 297 56.36 -35.73 -15.18
N ARG A 298 55.25 -35.77 -14.45
CA ARG A 298 54.42 -34.58 -14.28
C ARG A 298 54.97 -33.66 -13.19
N LEU A 299 54.75 -32.37 -13.33
CA LEU A 299 55.20 -31.42 -12.29
C LEU A 299 54.41 -30.13 -12.42
N ASN A 300 54.13 -29.48 -11.30
CA ASN A 300 53.41 -28.22 -11.36
C ASN A 300 54.50 -27.14 -11.27
N ASP A 301 54.68 -26.36 -12.35
CA ASP A 301 55.65 -25.28 -12.35
C ASP A 301 55.14 -23.97 -11.73
N SER A 302 53.95 -23.96 -11.12
CA SER A 302 53.42 -22.71 -10.56
C SER A 302 54.17 -22.30 -9.30
N LEU A 303 54.47 -21.02 -9.13
CA LEU A 303 55.09 -20.65 -7.85
C LEU A 303 54.13 -20.70 -6.64
N PHE A 304 52.84 -20.94 -6.88
CA PHE A 304 51.89 -20.98 -5.78
C PHE A 304 51.79 -22.36 -5.16
N TRP A 305 52.41 -23.34 -5.82
CA TRP A 305 52.23 -24.72 -5.35
C TRP A 305 53.51 -25.52 -5.40
N ASN A 306 53.69 -26.54 -4.57
CA ASN A 306 54.85 -27.44 -4.80
C ASN A 306 54.83 -28.19 -6.15
N TYR A 307 56.00 -28.57 -6.64
CA TYR A 307 56.05 -29.24 -7.94
C TYR A 307 55.26 -30.55 -8.00
N ASP A 308 54.97 -31.22 -6.90
CA ASP A 308 54.17 -32.44 -6.92
C ASP A 308 52.65 -32.24 -6.80
N GLN A 309 52.18 -31.00 -6.81
CA GLN A 309 50.78 -30.69 -6.70
C GLN A 309 50.18 -30.70 -8.09
N THR A 310 49.96 -31.87 -8.67
CA THR A 310 49.55 -31.95 -10.07
C THR A 310 48.04 -32.17 -10.17
N SER A 311 47.37 -32.35 -9.04
CA SER A 311 45.91 -32.40 -9.12
C SER A 311 45.28 -31.68 -7.94
N PHE A 312 44.01 -31.32 -8.08
CA PHE A 312 43.33 -30.56 -7.05
C PHE A 312 41.93 -31.17 -6.96
N THR A 313 41.48 -31.34 -5.71
CA THR A 313 40.18 -31.96 -5.47
C THR A 313 39.39 -31.13 -4.47
N THR A 314 38.14 -30.88 -4.79
CA THR A 314 37.29 -30.15 -3.82
C THR A 314 35.82 -30.27 -4.23
N ASN A 315 34.87 -29.83 -3.40
CA ASN A 315 33.48 -29.65 -3.86
C ASN A 315 33.37 -28.31 -4.60
N THR A 316 32.67 -28.30 -5.73
CA THR A 316 32.49 -27.04 -6.44
C THR A 316 31.40 -26.29 -5.70
N LYS A 317 31.26 -25.02 -6.04
CA LYS A 317 30.12 -24.31 -5.51
C LYS A 317 28.86 -24.86 -6.20
N ASP A 318 27.74 -24.82 -5.49
CA ASP A 318 26.52 -25.28 -6.08
C ASP A 318 25.78 -24.09 -6.69
N TYR A 319 26.08 -23.81 -7.96
CA TYR A 319 25.38 -22.72 -8.65
C TYR A 319 24.44 -23.30 -9.68
N SER A 320 24.05 -24.58 -9.56
CA SER A 320 23.18 -25.13 -10.60
C SER A 320 21.80 -25.47 -10.05
N TYR A 321 20.80 -25.55 -10.94
CA TYR A 321 19.51 -26.07 -10.55
C TYR A 321 19.07 -27.01 -11.64
N LEU A 322 19.42 -28.28 -11.44
CA LEU A 322 19.48 -29.20 -12.58
C LEU A 322 18.13 -29.89 -12.83
N LYS A 323 17.03 -29.24 -12.46
CA LYS A 323 15.68 -29.74 -12.65
C LYS A 323 14.78 -28.64 -13.27
N LEU A 324 14.15 -28.98 -14.41
CA LEU A 324 13.16 -28.10 -15.06
C LEU A 324 12.03 -27.92 -14.07
N THR A 325 11.65 -26.68 -13.76
CA THR A 325 10.66 -26.46 -12.71
C THR A 325 9.80 -25.24 -13.05
N ASN A 326 8.53 -25.23 -12.63
CA ASN A 326 7.70 -24.02 -12.65
C ASN A 326 7.10 -23.74 -11.27
N ASP A 327 7.60 -24.44 -10.27
CA ASP A 327 7.07 -24.20 -8.92
C ASP A 327 7.68 -22.87 -8.39
N LYS A 328 6.85 -21.96 -7.90
CA LYS A 328 7.32 -20.65 -7.41
C LYS A 328 8.43 -20.67 -6.35
N ASN A 329 8.34 -21.61 -5.41
CA ASN A 329 9.36 -21.73 -4.37
C ASN A 329 10.69 -22.23 -4.93
N ASP A 330 10.61 -23.20 -5.83
CA ASP A 330 11.78 -23.73 -6.54
C ASP A 330 12.44 -22.62 -7.35
N ILE A 331 11.63 -21.79 -8.02
CA ILE A 331 12.16 -20.70 -8.84
C ILE A 331 12.94 -19.70 -7.98
N VAL A 332 12.38 -19.37 -6.81
CA VAL A 332 13.09 -18.54 -5.83
C VAL A 332 14.48 -19.12 -5.47
N GLU A 333 14.51 -20.43 -5.29
CA GLU A 333 15.71 -21.13 -4.88
C GLU A 333 16.69 -21.13 -6.04
N LEU A 334 16.20 -21.40 -7.25
CA LEU A 334 17.03 -21.38 -8.45
C LEU A 334 17.67 -20.00 -8.68
N LYS A 335 16.88 -18.94 -8.60
CA LYS A 335 17.45 -17.60 -8.79
C LYS A 335 18.48 -17.31 -7.70
N ASN A 336 18.32 -17.75 -6.44
CA ASN A 336 19.38 -17.59 -5.41
C ASN A 336 20.65 -18.41 -5.66
N LYS A 337 20.59 -19.36 -6.57
CA LYS A 337 21.77 -20.16 -6.93
C LYS A 337 22.55 -19.54 -8.06
N VAL A 338 21.91 -18.62 -8.78
CA VAL A 338 22.61 -17.88 -9.85
C VAL A 338 23.82 -17.14 -9.22
N PRO A 339 25.07 -17.39 -9.68
CA PRO A 339 26.23 -16.72 -9.11
C PRO A 339 26.27 -15.24 -9.57
N THR A 340 26.74 -14.35 -8.70
CA THR A 340 27.07 -12.97 -9.15
C THR A 340 28.55 -12.61 -8.95
N GLU A 341 29.36 -13.65 -8.71
CA GLU A 341 30.82 -13.53 -8.54
C GLU A 341 31.40 -14.74 -9.22
N ALA A 342 32.68 -14.64 -9.55
CA ALA A 342 33.51 -15.74 -9.99
C ALA A 342 34.80 -15.64 -9.15
N GLU A 343 35.75 -16.55 -9.35
CA GLU A 343 36.88 -16.62 -8.46
C GLU A 343 37.77 -15.42 -8.84
N ASP A 344 37.94 -14.47 -7.91
CA ASP A 344 38.67 -13.21 -8.08
C ASP A 344 40.21 -13.24 -7.97
N HIS A 345 40.69 -14.23 -7.22
CA HIS A 345 42.13 -14.38 -6.97
C HIS A 345 42.82 -14.97 -8.20
N ASP A 346 44.15 -15.02 -8.16
CA ASP A 346 44.93 -15.80 -9.11
C ASP A 346 45.10 -17.24 -8.60
N GLY A 347 46.05 -17.93 -9.22
CA GLY A 347 46.25 -19.34 -9.01
C GLY A 347 46.64 -19.78 -7.61
N ASN A 348 46.78 -18.83 -6.69
CA ASN A 348 47.07 -19.21 -5.32
C ASN A 348 45.82 -19.74 -4.57
N ARG A 349 44.65 -19.49 -5.13
CA ARG A 349 43.44 -20.11 -4.60
C ARG A 349 43.21 -21.46 -5.25
N LEU A 350 42.85 -22.43 -4.42
CA LEU A 350 42.36 -23.70 -4.91
C LEU A 350 41.21 -23.52 -5.92
N MET A 351 40.21 -22.67 -5.65
CA MET A 351 39.05 -22.68 -6.54
C MET A 351 39.34 -22.14 -7.92
N TYR A 352 40.42 -21.38 -8.05
CA TYR A 352 40.88 -20.92 -9.37
C TYR A 352 41.18 -22.11 -10.29
N GLN A 353 41.63 -23.21 -9.69
CA GLN A 353 42.02 -24.36 -10.52
C GLN A 353 40.80 -24.95 -11.25
N PHE A 354 39.57 -24.60 -10.84
CA PHE A 354 38.35 -25.13 -11.45
C PHE A 354 37.68 -24.17 -12.40
N GLY A 355 38.36 -23.08 -12.77
CA GLY A 355 37.65 -22.03 -13.54
C GLY A 355 38.02 -21.86 -15.01
N ALA A 356 38.34 -22.93 -15.71
CA ALA A 356 38.56 -22.89 -17.15
C ALA A 356 37.17 -23.05 -17.87
N THR A 357 37.14 -23.41 -19.14
CA THR A 357 35.95 -23.32 -20.00
C THR A 357 35.70 -24.65 -20.70
N PHE A 358 34.92 -25.53 -20.04
CA PHE A 358 34.60 -26.85 -20.62
C PHE A 358 33.19 -26.84 -21.23
N THR A 359 33.11 -26.19 -22.39
CA THR A 359 31.83 -25.84 -23.02
C THR A 359 31.06 -27.13 -23.37
N GLN A 360 31.76 -28.16 -23.86
CA GLN A 360 31.08 -29.38 -24.27
C GLN A 360 30.26 -30.04 -23.17
N LYS A 361 30.85 -30.02 -21.99
CA LYS A 361 30.23 -30.64 -20.84
C LYS A 361 28.94 -29.91 -20.43
N ALA A 362 28.97 -28.60 -20.59
CA ALA A 362 27.80 -27.79 -20.31
C ALA A 362 26.70 -28.06 -21.32
N LEU A 363 27.04 -28.08 -22.61
CA LEU A 363 26.06 -28.39 -23.67
C LEU A 363 25.50 -29.80 -23.42
N MET A 364 26.36 -30.75 -23.04
CA MET A 364 25.88 -32.07 -22.65
C MET A 364 24.85 -32.13 -21.54
N LYS A 365 25.08 -31.34 -20.48
CA LYS A 365 24.17 -31.25 -19.38
C LYS A 365 22.84 -30.63 -19.86
N ALA A 366 22.84 -29.58 -20.69
CA ALA A 366 21.57 -29.03 -21.21
C ALA A 366 20.83 -30.08 -22.06
N ASP A 367 21.52 -30.79 -22.95
CA ASP A 367 20.84 -31.84 -23.74
C ASP A 367 20.27 -32.95 -22.83
N GLU A 368 21.00 -33.35 -21.79
CA GLU A 368 20.52 -34.34 -20.82
C GLU A 368 19.24 -33.90 -20.10
N ILE A 369 19.24 -32.68 -19.56
CA ILE A 369 18.04 -32.16 -18.90
C ILE A 369 16.83 -32.14 -19.85
N LEU A 370 16.98 -31.57 -21.05
CA LEU A 370 15.84 -31.50 -22.01
C LEU A 370 15.43 -32.89 -22.48
N THR A 371 16.41 -33.76 -22.77
CA THR A 371 16.06 -35.11 -23.17
C THR A 371 15.26 -35.83 -22.07
N GLN A 372 15.74 -35.72 -20.83
CA GLN A 372 15.18 -36.52 -19.75
C GLN A 372 13.95 -35.88 -19.15
N GLN A 373 13.90 -34.55 -19.13
CA GLN A 373 12.84 -33.89 -18.34
C GLN A 373 11.84 -33.03 -19.14
N ALA A 374 12.13 -32.64 -20.38
CA ALA A 374 11.23 -31.76 -21.10
C ALA A 374 9.90 -32.47 -21.41
N ARG A 375 8.84 -31.68 -21.47
CA ARG A 375 7.59 -32.17 -21.95
C ARG A 375 7.60 -32.52 -23.43
N GLN A 376 6.75 -33.46 -23.81
CA GLN A 376 6.60 -33.82 -25.22
C GLN A 376 6.17 -32.63 -26.12
N ASN A 377 5.13 -31.94 -25.70
CA ASN A 377 4.60 -30.78 -26.37
C ASN A 377 5.05 -29.50 -25.68
N SER A 378 6.26 -29.10 -26.01
CA SER A 378 6.88 -27.89 -25.46
C SER A 378 7.92 -27.44 -26.48
N GLN A 379 8.19 -26.13 -26.44
CA GLN A 379 9.25 -25.59 -27.23
C GLN A 379 10.51 -25.63 -26.37
N LYS A 380 11.57 -26.28 -26.83
CA LYS A 380 12.75 -26.54 -25.95
C LYS A 380 13.83 -25.53 -26.31
N VAL A 381 14.35 -24.80 -25.31
CA VAL A 381 15.21 -23.65 -25.55
C VAL A 381 16.45 -23.76 -24.66
N ILE A 382 17.61 -23.38 -25.19
CA ILE A 382 18.80 -23.11 -24.38
C ILE A 382 19.21 -21.66 -24.63
N PHE A 383 19.38 -20.94 -23.50
CA PHE A 383 20.10 -19.65 -23.49
C PHE A 383 21.52 -19.91 -22.88
N HIS A 384 22.54 -19.65 -23.66
CA HIS A 384 23.88 -19.90 -23.19
C HIS A 384 24.62 -18.55 -23.13
N ILE A 385 25.09 -18.22 -21.93
CA ILE A 385 25.81 -16.99 -21.71
C ILE A 385 27.27 -17.41 -21.47
N THR A 386 28.18 -16.90 -22.29
CA THR A 386 29.57 -17.28 -22.05
C THR A 386 30.52 -16.10 -22.34
N ASP A 387 31.73 -16.13 -21.75
CA ASP A 387 32.72 -15.10 -22.12
C ASP A 387 33.98 -15.73 -22.72
N GLY A 388 33.89 -16.94 -23.22
CA GLY A 388 35.10 -17.49 -23.85
C GLY A 388 34.95 -18.79 -24.60
N VAL A 389 35.83 -18.97 -25.57
CA VAL A 389 35.93 -20.20 -26.33
C VAL A 389 36.41 -21.37 -25.46
N PRO A 390 36.10 -22.60 -25.88
CA PRO A 390 36.43 -23.76 -25.04
C PRO A 390 37.95 -23.95 -24.91
N THR A 391 38.39 -24.46 -23.76
CA THR A 391 39.78 -24.68 -23.50
C THR A 391 39.93 -26.09 -22.88
N MET A 392 38.84 -26.86 -22.91
CA MET A 392 38.76 -28.25 -22.56
C MET A 392 37.74 -28.95 -23.45
N SER A 393 37.88 -30.26 -23.67
CA SER A 393 36.88 -30.98 -24.46
C SER A 393 37.05 -32.46 -24.10
N TYR A 394 36.07 -33.30 -24.41
CA TYR A 394 36.22 -34.77 -24.28
C TYR A 394 36.91 -35.30 -25.53
N PRO A 395 37.77 -36.33 -25.39
CA PRO A 395 38.52 -36.89 -26.50
C PRO A 395 37.56 -37.73 -27.40
N ILE A 396 37.78 -37.64 -28.70
CA ILE A 396 37.18 -38.54 -29.66
C ILE A 396 37.90 -39.88 -29.44
N ASN A 397 37.10 -40.96 -29.49
CA ASN A 397 37.56 -42.29 -29.07
C ASN A 397 38.28 -43.00 -30.22
N PHE A 398 39.45 -42.49 -30.65
CA PHE A 398 40.28 -43.19 -31.65
C PHE A 398 40.77 -44.56 -31.20
N ASN A 399 40.81 -45.50 -32.14
CA ASN A 399 41.36 -46.84 -31.95
C ASN A 399 42.85 -46.89 -32.32
N HIS A 400 43.70 -47.28 -31.36
CA HIS A 400 45.14 -47.23 -31.56
C HIS A 400 45.71 -48.62 -31.71
N ALA A 401 44.84 -49.63 -31.87
CA ALA A 401 45.32 -51.00 -32.03
C ALA A 401 46.12 -51.17 -33.30
N THR A 402 47.00 -52.18 -33.37
CA THR A 402 47.94 -52.25 -34.49
C THR A 402 47.38 -52.27 -35.91
N PHE A 403 46.34 -53.07 -36.16
CA PHE A 403 45.68 -53.11 -37.45
C PHE A 403 44.48 -52.15 -37.54
N ALA A 404 44.43 -51.11 -36.72
CA ALA A 404 43.28 -50.19 -36.79
C ALA A 404 43.36 -49.34 -38.04
N PRO A 405 42.20 -48.89 -38.60
CA PRO A 405 42.27 -48.02 -39.79
C PRO A 405 42.98 -46.70 -39.53
N SER A 406 43.31 -45.98 -40.58
CA SER A 406 43.90 -44.65 -40.38
C SER A 406 42.96 -43.74 -39.59
N TYR A 407 43.56 -42.80 -38.86
CA TYR A 407 42.78 -41.85 -38.12
C TYR A 407 41.72 -41.12 -38.95
N GLN A 408 42.08 -40.73 -40.17
CA GLN A 408 41.12 -40.04 -41.02
C GLN A 408 39.96 -41.01 -41.34
N ASN A 409 40.24 -42.26 -41.77
CA ASN A 409 39.21 -43.29 -41.99
C ASN A 409 38.33 -43.45 -40.74
N GLN A 410 38.97 -43.44 -39.57
CA GLN A 410 38.23 -43.61 -38.34
C GLN A 410 37.30 -42.44 -38.17
N LEU A 411 37.82 -41.25 -38.42
CA LEU A 411 37.00 -40.09 -38.19
C LEU A 411 35.90 -40.04 -39.23
N ASN A 412 36.18 -40.41 -40.46
CA ASN A 412 35.14 -40.34 -41.47
C ASN A 412 34.01 -41.30 -41.10
N ALA A 413 34.34 -42.47 -40.49
CA ALA A 413 33.30 -43.42 -40.06
C ALA A 413 32.46 -42.82 -38.92
N PHE A 414 33.09 -42.13 -37.97
CA PHE A 414 32.37 -41.37 -36.95
C PHE A 414 31.44 -40.32 -37.55
N PHE A 415 31.87 -39.58 -38.57
CA PHE A 415 31.01 -38.52 -39.16
C PHE A 415 29.83 -39.22 -39.81
N SER A 416 30.07 -40.39 -40.38
CA SER A 416 29.04 -41.09 -41.13
CA SER A 416 29.06 -41.13 -41.11
C SER A 416 27.84 -41.55 -40.31
N LYS A 417 28.02 -41.78 -39.02
CA LYS A 417 26.96 -42.14 -38.07
C LYS A 417 26.13 -40.98 -37.57
N SER A 418 26.60 -39.73 -37.72
CA SER A 418 25.88 -38.58 -37.22
C SER A 418 24.72 -38.37 -38.17
N PRO A 419 23.58 -37.85 -37.66
CA PRO A 419 22.39 -37.63 -38.46
C PRO A 419 22.62 -36.78 -39.72
N ASN A 420 23.49 -35.78 -39.66
CA ASN A 420 23.62 -34.79 -40.76
C ASN A 420 25.00 -34.99 -41.37
N LYS A 421 25.63 -36.11 -41.03
CA LYS A 421 26.92 -36.50 -41.57
C LYS A 421 28.00 -35.42 -41.35
N ASP A 422 27.84 -34.64 -40.29
CA ASP A 422 28.69 -33.46 -40.03
C ASP A 422 29.22 -33.38 -38.61
N GLY A 423 29.06 -34.46 -37.84
CA GLY A 423 29.41 -34.44 -36.44
C GLY A 423 29.71 -35.82 -35.90
N ILE A 424 29.81 -35.89 -34.58
CA ILE A 424 30.20 -37.11 -33.90
C ILE A 424 29.20 -37.41 -32.80
N LEU A 425 28.67 -38.63 -32.78
CA LEU A 425 27.77 -39.10 -31.73
C LEU A 425 28.47 -39.14 -30.37
N LEU A 426 27.71 -38.88 -29.33
CA LEU A 426 28.32 -38.87 -28.00
C LEU A 426 29.02 -40.19 -27.64
N SER A 427 28.50 -41.30 -28.17
CA SER A 427 29.12 -42.60 -27.91
C SER A 427 30.50 -42.80 -28.62
N ASP A 428 30.87 -41.91 -29.54
CA ASP A 428 32.21 -41.96 -30.11
C ASP A 428 33.20 -40.95 -29.47
N PHE A 429 32.81 -40.34 -28.36
CA PHE A 429 33.75 -39.68 -27.42
C PHE A 429 33.98 -40.51 -26.17
N ILE A 430 35.12 -40.34 -25.49
CA ILE A 430 35.26 -40.93 -24.14
C ILE A 430 34.77 -39.91 -23.13
N THR A 431 33.70 -40.21 -22.41
CA THR A 431 33.20 -39.17 -21.49
C THR A 431 33.11 -39.68 -20.07
N GLN A 432 33.57 -40.89 -19.81
CA GLN A 432 33.62 -41.45 -18.46
C GLN A 432 34.84 -42.36 -18.32
N ALA A 433 35.42 -42.42 -17.12
CA ALA A 433 36.57 -43.30 -16.84
C ALA A 433 36.54 -43.68 -15.36
N THR A 434 36.86 -44.93 -15.08
CA THR A 434 36.83 -45.41 -13.68
C THR A 434 37.86 -44.65 -12.88
N SER A 435 38.98 -44.24 -13.47
CA SER A 435 40.00 -43.41 -12.80
C SER A 435 39.65 -41.93 -12.67
N GLY A 436 38.55 -41.50 -13.27
CA GLY A 436 38.08 -40.15 -13.07
C GLY A 436 38.20 -39.37 -14.37
N GLU A 437 37.37 -38.34 -14.47
CA GLU A 437 37.34 -37.50 -15.65
C GLU A 437 38.68 -36.82 -15.97
N HIS A 438 39.38 -36.36 -14.94
CA HIS A 438 40.65 -35.68 -15.10
C HIS A 438 41.63 -36.58 -15.83
N THR A 439 41.44 -37.90 -15.81
CA THR A 439 42.40 -38.76 -16.53
C THR A 439 42.16 -38.92 -18.04
N ILE A 440 41.00 -38.49 -18.51
CA ILE A 440 40.73 -38.57 -19.94
C ILE A 440 40.45 -37.25 -20.62
N VAL A 441 40.00 -36.26 -19.87
CA VAL A 441 39.67 -34.95 -20.47
C VAL A 441 40.87 -34.33 -21.19
N ARG A 442 40.55 -33.57 -22.25
CA ARG A 442 41.58 -32.85 -23.02
C ARG A 442 41.63 -31.43 -22.51
N GLY A 443 42.85 -30.87 -22.44
CA GLY A 443 42.97 -29.45 -22.03
C GLY A 443 42.83 -29.21 -20.54
N ASP A 444 43.15 -27.99 -20.11
CA ASP A 444 43.07 -27.64 -18.69
C ASP A 444 42.81 -26.14 -18.52
N GLY A 445 42.34 -25.45 -19.58
CA GLY A 445 42.27 -23.96 -19.52
C GLY A 445 43.41 -23.24 -20.18
N GLN A 446 44.49 -23.93 -20.60
CA GLN A 446 45.66 -23.30 -21.20
C GLN A 446 45.39 -22.61 -22.53
N SER A 447 44.66 -23.26 -23.43
CA SER A 447 44.46 -22.65 -24.74
C SER A 447 43.26 -23.36 -25.42
N TYR A 448 42.64 -22.66 -26.36
CA TYR A 448 41.78 -23.21 -27.37
C TYR A 448 42.55 -24.21 -28.24
N GLN A 449 43.85 -23.97 -28.45
CA GLN A 449 44.68 -24.88 -29.22
C GLN A 449 45.04 -26.12 -28.41
N MET A 450 45.23 -27.20 -29.15
CA MET A 450 45.90 -28.37 -28.63
C MET A 450 47.27 -28.36 -29.36
N PHE A 451 48.36 -28.19 -28.64
CA PHE A 451 49.64 -27.83 -29.27
C PHE A 451 50.16 -29.02 -30.07
N THR A 452 50.74 -28.73 -31.23
CA THR A 452 51.37 -29.75 -32.05
C THR A 452 52.88 -29.81 -31.81
N ASP A 453 53.44 -28.90 -31.00
CA ASP A 453 54.86 -28.94 -30.53
C ASP A 453 54.79 -29.07 -29.00
N LYS A 454 55.38 -30.12 -28.42
CA LYS A 454 55.35 -30.36 -26.97
C LYS A 454 56.17 -29.34 -26.17
N THR A 455 57.06 -28.61 -26.84
CA THR A 455 57.98 -27.70 -26.13
C THR A 455 57.29 -26.46 -25.57
N VAL A 456 57.52 -26.22 -24.29
CA VAL A 456 57.12 -24.94 -23.67
C VAL A 456 58.23 -23.94 -23.97
N TYR A 457 57.85 -22.76 -24.45
CA TYR A 457 58.76 -21.71 -24.81
C TYR A 457 58.67 -20.56 -23.83
N GLU A 458 59.79 -19.89 -23.57
CA GLU A 458 59.76 -18.65 -22.79
C GLU A 458 60.89 -17.79 -23.37
N LYS A 459 60.59 -16.50 -23.53
CA LYS A 459 61.57 -15.53 -24.05
C LYS A 459 62.17 -15.92 -25.41
N GLY A 460 61.42 -16.65 -26.24
CA GLY A 460 61.96 -17.00 -27.54
C GLY A 460 62.72 -18.31 -27.56
N ALA A 461 62.73 -19.08 -26.46
CA ALA A 461 63.53 -20.32 -26.45
C ALA A 461 62.87 -21.40 -25.61
N PRO A 462 63.28 -22.65 -25.77
CA PRO A 462 62.74 -23.69 -24.84
C PRO A 462 62.95 -23.27 -23.36
N ALA A 463 61.93 -23.51 -22.56
CA ALA A 463 61.80 -23.11 -21.15
C ALA A 463 62.24 -24.27 -20.26
N ALA A 464 62.89 -23.95 -19.14
CA ALA A 464 63.34 -24.98 -18.20
C ALA A 464 62.86 -24.62 -16.78
N PHE A 465 62.48 -25.59 -15.95
CA PHE A 465 62.20 -25.32 -14.54
C PHE A 465 63.54 -25.28 -13.78
N PRO A 466 63.88 -24.16 -13.09
CA PRO A 466 65.14 -24.09 -12.38
C PRO A 466 65.17 -24.96 -11.11
N VAL A 467 66.31 -25.57 -10.85
CA VAL A 467 66.38 -26.46 -9.72
C VAL A 467 67.57 -25.99 -8.89
N LYS A 468 67.29 -25.43 -7.70
CA LYS A 468 68.40 -24.89 -6.98
C LYS A 468 69.27 -26.00 -6.35
N PRO A 469 70.54 -25.72 -6.05
CA PRO A 469 71.41 -26.74 -5.52
C PRO A 469 70.76 -27.55 -4.39
N GLU A 470 70.02 -26.87 -3.51
CA GLU A 470 69.38 -27.56 -2.37
C GLU A 470 68.22 -28.47 -2.69
N LYS A 471 67.70 -28.42 -3.91
CA LYS A 471 66.60 -29.28 -4.34
C LYS A 471 67.05 -30.33 -5.36
N TYR A 472 68.33 -30.25 -5.73
CA TYR A 472 68.82 -31.08 -6.82
C TYR A 472 68.64 -32.55 -6.41
N SER A 473 69.12 -32.96 -5.23
CA SER A 473 69.01 -34.39 -4.86
C SER A 473 67.58 -34.94 -4.78
N GLU A 474 66.72 -34.17 -4.12
CA GLU A 474 65.32 -34.46 -4.04
C GLU A 474 64.66 -34.58 -5.42
N MET A 475 64.89 -33.64 -6.35
CA MET A 475 64.16 -33.78 -7.63
CA MET A 475 64.23 -33.71 -7.68
C MET A 475 64.79 -34.87 -8.50
N LYS A 476 66.07 -35.08 -8.37
CA LYS A 476 66.70 -36.19 -9.05
C LYS A 476 66.17 -37.54 -8.50
N ALA A 477 66.02 -37.67 -7.18
CA ALA A 477 65.57 -38.96 -6.60
C ALA A 477 64.10 -39.23 -6.88
N ALA A 478 63.29 -38.19 -7.06
CA ALA A 478 61.89 -38.34 -7.40
C ALA A 478 61.71 -38.80 -8.85
N GLY A 479 62.76 -38.73 -9.67
CA GLY A 479 62.80 -39.28 -11.03
C GLY A 479 62.71 -38.28 -12.20
N TYR A 480 62.80 -36.99 -11.89
CA TYR A 480 62.87 -36.00 -12.96
C TYR A 480 64.17 -36.00 -13.76
N ALA A 481 64.06 -35.60 -15.01
CA ALA A 481 65.23 -35.49 -15.89
C ALA A 481 65.94 -34.19 -15.54
N VAL A 482 66.64 -34.17 -14.41
CA VAL A 482 67.38 -32.97 -14.02
C VAL A 482 68.75 -32.88 -14.75
N ILE A 483 69.05 -31.74 -15.34
CA ILE A 483 70.38 -31.50 -15.89
C ILE A 483 71.13 -30.57 -14.91
N GLY A 484 72.30 -30.97 -14.47
CA GLY A 484 73.11 -30.09 -13.63
C GLY A 484 73.74 -30.99 -12.60
N ASP A 485 73.98 -30.45 -11.40
CA ASP A 485 74.71 -31.19 -10.35
C ASP A 485 74.36 -30.65 -8.95
N PRO A 486 74.74 -31.38 -7.88
CA PRO A 486 74.41 -30.93 -6.52
C PRO A 486 75.08 -29.63 -6.06
N ILE A 487 76.13 -29.19 -6.75
CA ILE A 487 76.83 -27.96 -6.35
C ILE A 487 76.22 -26.70 -6.98
N ASN A 488 75.95 -26.77 -8.29
CA ASN A 488 75.44 -25.68 -9.11
C ASN A 488 73.98 -25.73 -9.27
N GLY A 489 73.35 -26.83 -8.89
CA GLY A 489 71.95 -26.98 -9.14
C GLY A 489 71.81 -27.27 -10.63
N GLY A 490 70.62 -27.03 -11.19
CA GLY A 490 70.36 -27.35 -12.60
C GLY A 490 68.98 -26.90 -13.06
N TYR A 491 68.40 -27.68 -13.97
CA TYR A 491 67.17 -27.28 -14.65
C TYR A 491 66.51 -28.56 -15.24
N ILE A 492 65.21 -28.48 -15.51
CA ILE A 492 64.39 -29.54 -16.05
C ILE A 492 63.70 -28.91 -17.29
N TRP A 493 64.02 -29.45 -18.47
CA TRP A 493 63.33 -28.93 -19.65
C TRP A 493 61.84 -29.22 -19.56
N LEU A 494 61.01 -28.24 -19.87
CA LEU A 494 59.57 -28.39 -19.81
C LEU A 494 58.84 -28.67 -21.13
N ASN A 495 57.84 -29.53 -21.04
CA ASN A 495 56.99 -29.85 -22.20
C ASN A 495 55.57 -29.70 -21.69
N TRP A 496 54.63 -29.38 -22.59
CA TRP A 496 53.20 -29.47 -22.18
C TRP A 496 52.82 -30.97 -21.90
N ARG A 497 52.00 -31.26 -20.89
CA ARG A 497 51.57 -32.64 -20.63
C ARG A 497 50.67 -33.20 -21.76
N GLU A 498 50.71 -34.53 -21.93
CA GLU A 498 50.04 -35.21 -23.01
C GLU A 498 48.61 -34.67 -23.24
N SER A 499 47.83 -34.55 -22.18
CA SER A 499 46.40 -34.21 -22.35
C SER A 499 46.12 -32.80 -22.88
N ILE A 500 47.14 -31.94 -23.01
CA ILE A 500 47.04 -30.57 -23.51
C ILE A 500 47.41 -30.54 -24.99
N LEU A 501 48.10 -31.57 -25.49
CA LEU A 501 48.57 -31.62 -26.86
C LEU A 501 47.49 -32.11 -27.83
N ALA A 502 47.78 -31.91 -29.11
CA ALA A 502 47.00 -32.42 -30.23
C ALA A 502 47.03 -33.96 -30.09
N TYR A 503 46.03 -34.63 -30.63
CA TYR A 503 45.98 -36.09 -30.57
C TYR A 503 45.28 -36.59 -31.85
N PRO A 504 45.61 -37.82 -32.33
CA PRO A 504 46.87 -38.59 -32.04
C PRO A 504 48.13 -37.81 -32.45
N PHE A 505 49.05 -37.63 -31.51
CA PHE A 505 50.10 -36.64 -31.69
C PHE A 505 51.00 -36.92 -32.88
N ASN A 506 51.24 -38.20 -33.17
CA ASN A 506 52.09 -38.52 -34.32
C ASN A 506 51.35 -39.00 -35.56
N SER A 507 50.05 -38.72 -35.60
CA SER A 507 49.25 -39.09 -36.74
C SER A 507 49.78 -38.55 -38.07
N ASN A 508 49.88 -39.38 -39.12
CA ASN A 508 50.13 -38.91 -40.47
C ASN A 508 48.84 -38.58 -41.19
N THR A 509 47.65 -38.60 -40.56
CA THR A 509 46.41 -38.31 -41.30
C THR A 509 45.65 -37.30 -40.46
N ALA A 510 44.49 -37.66 -39.92
CA ALA A 510 43.70 -36.76 -39.08
C ALA A 510 44.38 -36.48 -37.74
N LYS A 511 44.29 -35.24 -37.29
CA LYS A 511 44.89 -34.82 -36.04
C LYS A 511 44.00 -33.72 -35.50
N ILE A 512 43.58 -33.86 -34.24
CA ILE A 512 42.75 -32.84 -33.60
C ILE A 512 43.64 -31.82 -32.93
N THR A 513 43.41 -30.54 -33.23
CA THR A 513 44.39 -29.50 -32.85
C THR A 513 43.76 -28.33 -32.10
N ASN A 514 42.47 -28.40 -31.79
CA ASN A 514 41.89 -27.37 -30.92
C ASN A 514 40.63 -27.94 -30.26
N HIS A 515 40.12 -27.26 -29.23
CA HIS A 515 38.94 -27.71 -28.50
C HIS A 515 37.63 -27.28 -29.20
N GLY A 516 37.70 -26.43 -30.20
CA GLY A 516 36.49 -25.98 -30.91
C GLY A 516 35.93 -27.07 -31.79
N ASP A 517 36.76 -27.70 -32.61
CA ASP A 517 36.33 -28.73 -33.53
C ASP A 517 35.57 -29.88 -32.84
N PRO A 518 36.15 -30.50 -31.80
CA PRO A 518 35.36 -31.52 -31.15
C PRO A 518 34.07 -31.04 -30.51
N THR A 519 34.09 -29.82 -29.94
CA THR A 519 32.87 -29.30 -29.33
C THR A 519 31.80 -29.08 -30.41
N ARG A 520 32.21 -28.53 -31.56
CA ARG A 520 31.32 -28.29 -32.66
C ARG A 520 30.80 -29.59 -33.29
N TRP A 521 31.66 -30.59 -33.49
CA TRP A 521 31.20 -31.89 -33.95
C TRP A 521 30.25 -32.55 -32.95
N TYR A 522 30.55 -32.40 -31.67
CA TYR A 522 29.68 -32.88 -30.60
C TYR A 522 28.27 -32.25 -30.80
N TYR A 523 28.24 -30.93 -30.98
CA TYR A 523 26.99 -30.16 -31.11
C TYR A 523 26.21 -30.66 -32.33
N ASN A 524 26.87 -30.71 -33.48
CA ASN A 524 26.24 -31.17 -34.72
C ASN A 524 25.68 -32.58 -34.58
N GLY A 525 26.43 -33.41 -33.86
CA GLY A 525 26.02 -34.81 -33.76
C GLY A 525 24.88 -35.12 -32.79
N ASN A 526 24.72 -34.30 -31.74
CA ASN A 526 23.88 -34.66 -30.59
C ASN A 526 22.92 -33.59 -30.13
N ILE A 527 23.12 -32.36 -30.61
CA ILE A 527 22.22 -31.29 -30.23
C ILE A 527 21.45 -30.74 -31.43
N ALA A 528 22.14 -30.43 -32.52
CA ALA A 528 21.51 -29.91 -33.75
C ALA A 528 20.32 -30.73 -34.28
N PRO A 529 20.35 -32.08 -34.24
CA PRO A 529 19.20 -32.85 -34.80
C PRO A 529 17.94 -32.77 -33.92
N ASP A 530 18.02 -32.27 -32.69
CA ASP A 530 16.88 -32.17 -31.80
C ASP A 530 15.92 -30.98 -31.97
N GLY A 531 16.27 -29.92 -32.68
CA GLY A 531 15.20 -28.98 -33.04
C GLY A 531 15.07 -27.94 -31.92
N TYR A 532 16.01 -27.89 -30.98
CA TYR A 532 16.04 -26.88 -29.93
C TYR A 532 16.24 -25.48 -30.52
N ASP A 533 15.64 -24.48 -29.88
CA ASP A 533 16.17 -23.10 -30.07
C ASP A 533 17.39 -22.96 -29.15
N VAL A 534 18.52 -22.58 -29.71
CA VAL A 534 19.75 -22.41 -28.90
C VAL A 534 20.26 -21.00 -29.25
N PHE A 535 20.30 -20.16 -28.23
CA PHE A 535 20.76 -18.76 -28.29
C PHE A 535 22.06 -18.61 -27.47
N THR A 536 23.05 -17.92 -27.99
CA THR A 536 24.34 -17.75 -27.35
C THR A 536 24.59 -16.24 -27.27
N VAL A 537 24.76 -15.78 -26.05
CA VAL A 537 25.17 -14.39 -25.79
C VAL A 537 26.62 -14.47 -25.30
N GLY A 538 27.55 -14.03 -26.13
CA GLY A 538 28.97 -13.91 -25.76
C GLY A 538 29.27 -12.57 -25.08
N ILE A 539 30.20 -12.62 -24.12
CA ILE A 539 30.61 -11.41 -23.42
C ILE A 539 32.07 -11.12 -23.79
N GLY A 540 32.30 -10.13 -24.65
CA GLY A 540 33.66 -9.69 -24.94
C GLY A 540 34.47 -10.80 -25.60
N ILE A 541 33.83 -11.70 -26.36
CA ILE A 541 34.58 -12.82 -26.92
C ILE A 541 35.55 -12.41 -28.02
N ASN A 542 36.83 -12.77 -27.88
CA ASN A 542 37.80 -12.35 -28.90
C ASN A 542 38.75 -13.50 -29.24
N GLY A 543 38.52 -14.66 -28.64
CA GLY A 543 39.32 -15.83 -28.97
C GLY A 543 40.44 -16.17 -27.99
N ASP A 544 40.72 -15.30 -27.02
CA ASP A 544 41.71 -15.55 -25.99
C ASP A 544 41.18 -16.69 -25.15
N PRO A 545 42.05 -17.62 -24.77
CA PRO A 545 43.42 -17.74 -25.22
C PRO A 545 43.57 -18.72 -26.40
N GLY A 546 44.41 -18.38 -27.40
CA GLY A 546 44.83 -19.36 -28.39
C GLY A 546 44.18 -19.10 -29.75
N THR A 547 43.14 -18.27 -29.85
CA THR A 547 42.66 -18.05 -31.20
C THR A 547 42.26 -16.61 -31.48
N ASP A 548 41.59 -16.36 -32.60
CA ASP A 548 41.18 -14.98 -32.95
C ASP A 548 39.67 -14.74 -33.00
N GLU A 549 39.24 -13.53 -33.32
CA GLU A 549 37.92 -13.06 -33.07
C GLU A 549 37.14 -13.75 -34.19
N ALA A 550 37.68 -13.85 -35.42
CA ALA A 550 36.89 -14.52 -36.47
C ALA A 550 36.62 -16.03 -36.23
N THR A 551 37.60 -16.79 -35.78
CA THR A 551 37.42 -18.19 -35.38
C THR A 551 36.46 -18.25 -34.19
N ALA A 552 36.68 -17.43 -33.16
CA ALA A 552 35.77 -17.46 -32.03
C ALA A 552 34.32 -17.24 -32.46
N THR A 553 34.08 -16.27 -33.35
CA THR A 553 32.73 -15.98 -33.81
C THR A 553 32.13 -17.13 -34.60
N SER A 554 32.88 -17.69 -35.55
CA SER A 554 32.43 -18.87 -36.28
CA SER A 554 32.43 -18.86 -36.29
C SER A 554 32.08 -20.01 -35.35
N PHE A 555 32.91 -20.27 -34.33
CA PHE A 555 32.68 -21.35 -33.40
C PHE A 555 31.37 -21.13 -32.61
N MET A 556 31.15 -19.94 -32.06
CA MET A 556 29.96 -19.66 -31.25
C MET A 556 28.67 -19.74 -32.08
N GLN A 557 28.75 -19.26 -33.31
CA GLN A 557 27.63 -19.47 -34.25
C GLN A 557 27.30 -20.97 -34.45
N SER A 558 28.33 -21.82 -34.51
CA SER A 558 28.16 -23.24 -34.82
C SER A 558 27.63 -23.97 -33.59
N ILE A 559 27.70 -23.38 -32.39
CA ILE A 559 26.99 -24.02 -31.28
C ILE A 559 25.73 -23.27 -30.90
N SER A 560 25.15 -22.56 -31.86
CA SER A 560 23.84 -21.94 -31.70
C SER A 560 22.98 -22.54 -32.81
N SER A 561 21.65 -22.41 -32.73
CA SER A 561 20.76 -23.13 -33.67
C SER A 561 20.73 -22.48 -35.07
N LYS A 562 21.14 -21.22 -35.20
CA LYS A 562 21.47 -20.62 -36.50
C LYS A 562 22.46 -19.47 -36.25
N PRO A 563 23.16 -18.98 -37.28
CA PRO A 563 24.26 -18.02 -36.98
C PRO A 563 23.80 -16.71 -36.33
N GLU A 564 22.63 -16.18 -36.68
CA GLU A 564 21.96 -15.02 -36.10
C GLU A 564 21.65 -15.21 -34.62
N ASN A 565 21.72 -16.45 -34.16
CA ASN A 565 21.36 -16.77 -32.75
C ASN A 565 22.55 -16.67 -31.79
N TYR A 566 23.72 -16.25 -32.32
CA TYR A 566 24.83 -15.78 -31.48
C TYR A 566 25.01 -14.27 -31.60
N THR A 567 25.13 -13.56 -30.49
CA THR A 567 25.58 -12.17 -30.48
C THR A 567 26.67 -12.00 -29.44
N ASN A 568 27.70 -11.28 -29.83
CA ASN A 568 28.76 -10.88 -28.92
C ASN A 568 28.45 -9.52 -28.32
N VAL A 569 28.29 -9.41 -27.00
CA VAL A 569 28.07 -8.12 -26.34
C VAL A 569 29.38 -7.52 -25.86
N THR A 570 29.62 -6.26 -26.15
CA THR A 570 30.87 -5.66 -25.73
C THR A 570 30.61 -4.83 -24.47
N ASP A 571 29.41 -4.27 -24.39
CA ASP A 571 29.03 -3.51 -23.23
C ASP A 571 28.25 -4.42 -22.25
N THR A 572 28.88 -4.81 -21.16
CA THR A 572 28.27 -5.72 -20.17
C THR A 572 26.96 -5.22 -19.54
N THR A 573 26.61 -3.94 -19.66
CA THR A 573 25.32 -3.46 -19.21
C THR A 573 24.20 -3.88 -20.23
N LYS A 574 24.55 -4.48 -21.37
CA LYS A 574 23.58 -4.84 -22.42
C LYS A 574 23.34 -6.35 -22.59
N ILE A 575 23.91 -7.15 -21.70
CA ILE A 575 23.57 -8.56 -21.69
C ILE A 575 22.07 -8.83 -21.56
N LEU A 576 21.38 -8.22 -20.61
CA LEU A 576 19.94 -8.44 -20.51
C LEU A 576 19.21 -8.04 -21.80
N GLU A 577 19.58 -6.88 -22.35
CA GLU A 577 18.93 -6.42 -23.55
C GLU A 577 19.04 -7.50 -24.61
N GLN A 578 20.20 -8.15 -24.71
CA GLN A 578 20.35 -9.14 -25.78
C GLN A 578 19.61 -10.46 -25.55
N LEU A 579 19.62 -10.93 -24.30
CA LEU A 579 18.81 -12.07 -23.89
C LEU A 579 17.35 -11.73 -24.13
N ASN A 580 16.95 -10.53 -23.73
CA ASN A 580 15.59 -10.12 -24.02
C ASN A 580 15.19 -10.11 -25.51
N ARG A 581 16.06 -9.60 -26.38
CA ARG A 581 15.89 -9.63 -27.82
C ARG A 581 15.68 -11.07 -28.32
N TYR A 582 16.48 -12.02 -27.87
CA TYR A 582 16.33 -13.41 -28.34
C TYR A 582 15.03 -13.99 -27.75
N PHE A 583 14.73 -13.65 -26.50
CA PHE A 583 13.46 -14.04 -25.91
C PHE A 583 12.27 -13.62 -26.84
N HIS A 584 12.33 -12.37 -27.32
CA HIS A 584 11.30 -11.82 -28.16
C HIS A 584 11.34 -12.44 -29.57
N THR A 585 12.24 -13.34 -29.91
CA THR A 585 12.04 -13.95 -31.22
C THR A 585 11.08 -15.14 -31.07
N ILE A 586 10.81 -15.58 -29.85
CA ILE A 586 9.96 -16.74 -29.66
C ILE A 586 8.69 -16.40 -28.89
N VAL A 587 8.60 -15.20 -28.33
CA VAL A 587 7.33 -14.77 -27.73
C VAL A 587 6.95 -13.40 -28.33
N THR A 588 5.66 -13.06 -28.34
CA THR A 588 5.27 -11.64 -28.47
C THR A 588 4.83 -11.06 -27.12
N GLU A 589 5.12 -9.79 -26.86
CA GLU A 589 4.83 -9.26 -25.57
C GLU A 589 3.53 -8.44 -25.68
N LYS A 590 2.62 -8.52 -24.71
CA LYS A 590 1.43 -7.67 -24.76
C LYS A 590 1.19 -7.17 -23.36
N LYS A 591 0.82 -5.91 -23.18
CA LYS A 591 0.52 -5.38 -21.86
C LYS A 591 -0.95 -5.68 -21.56
N SER A 592 -1.28 -5.93 -20.30
CA SER A 592 -2.63 -6.27 -19.87
C SER A 592 -3.55 -5.05 -19.82
N ILE A 593 -3.00 -3.86 -19.62
CA ILE A 593 -3.80 -2.62 -19.60
C ILE A 593 -3.46 -1.86 -20.86
N GLU A 594 -4.42 -1.79 -21.76
CA GLU A 594 -4.13 -1.18 -23.04
C GLU A 594 -5.28 -0.23 -23.46
N ASN A 595 -5.06 1.08 -23.33
CA ASN A 595 -6.05 2.18 -23.43
C ASN A 595 -7.15 1.79 -22.45
N GLY A 596 -6.73 1.47 -21.22
CA GLY A 596 -7.65 1.25 -20.11
C GLY A 596 -8.28 2.53 -19.58
N THR A 597 -9.43 2.37 -18.93
CA THR A 597 -10.23 3.47 -18.37
C THR A 597 -10.62 3.22 -16.92
N ILE A 598 -10.42 4.21 -16.06
CA ILE A 598 -11.05 4.12 -14.75
C ILE A 598 -12.32 4.95 -14.77
N THR A 599 -13.43 4.39 -14.28
CA THR A 599 -14.69 5.12 -14.16
C THR A 599 -15.03 5.20 -12.68
N ASP A 600 -15.17 6.44 -12.22
CA ASP A 600 -15.24 6.72 -10.77
C ASP A 600 -16.32 7.78 -10.46
N PRO A 601 -17.59 7.32 -10.33
CA PRO A 601 -18.71 8.20 -9.97
C PRO A 601 -18.61 8.57 -8.47
N MET A 602 -18.83 9.85 -8.15
CA MET A 602 -18.97 10.18 -6.73
C MET A 602 -20.17 9.43 -6.11
N GLY A 603 -20.07 8.97 -4.85
CA GLY A 603 -21.27 8.48 -4.12
C GLY A 603 -22.37 9.51 -3.90
N GLU A 604 -23.62 9.06 -3.67
CA GLU A 604 -24.70 9.90 -3.13
CA GLU A 604 -24.67 9.96 -3.19
C GLU A 604 -24.18 10.72 -1.95
N LEU A 605 -24.47 12.01 -1.95
CA LEU A 605 -24.05 12.92 -0.89
C LEU A 605 -22.54 13.03 -0.66
N ILE A 606 -21.76 12.80 -1.73
CA ILE A 606 -20.29 12.95 -1.74
C ILE A 606 -20.01 14.00 -2.82
N ASP A 607 -19.45 15.15 -2.41
CA ASP A 607 -19.05 16.18 -3.37
C ASP A 607 -17.55 16.22 -3.63
N LEU A 608 -17.16 16.04 -4.89
CA LEU A 608 -15.79 16.24 -5.35
C LEU A 608 -15.44 17.72 -5.07
N GLN A 609 -14.27 17.96 -4.48
CA GLN A 609 -13.78 19.32 -4.17
C GLN A 609 -13.23 19.89 -5.45
N LEU A 610 -13.91 20.92 -5.94
CA LEU A 610 -13.48 21.65 -7.13
C LEU A 610 -12.82 23.00 -6.76
N GLY A 611 -12.59 23.21 -5.46
CA GLY A 611 -12.16 24.52 -4.95
C GLY A 611 -13.02 25.71 -5.36
N THR A 612 -12.59 26.91 -5.01
CA THR A 612 -13.45 28.10 -5.17
C THR A 612 -13.99 28.37 -6.58
N ASP A 613 -13.24 28.00 -7.64
CA ASP A 613 -13.71 28.28 -9.00
C ASP A 613 -14.95 27.45 -9.36
N GLY A 614 -15.25 26.44 -8.52
CA GLY A 614 -16.31 25.51 -8.87
C GLY A 614 -16.14 24.83 -10.22
N ARG A 615 -14.93 24.74 -10.78
CA ARG A 615 -14.69 24.02 -12.04
C ARG A 615 -13.55 23.01 -11.79
N PHE A 616 -13.75 21.82 -12.34
CA PHE A 616 -12.71 20.76 -12.34
C PHE A 616 -11.53 21.19 -13.20
N ASP A 617 -10.32 21.20 -12.61
CA ASP A 617 -9.18 21.69 -13.35
C ASP A 617 -7.96 21.04 -12.68
N PRO A 618 -6.75 21.23 -13.25
CA PRO A 618 -5.59 20.54 -12.69
C PRO A 618 -5.27 20.78 -11.22
N ALA A 619 -5.66 21.92 -10.64
CA ALA A 619 -5.60 22.12 -9.17
C ALA A 619 -6.41 21.13 -8.31
N ASP A 620 -7.35 20.39 -8.88
CA ASP A 620 -8.30 19.57 -8.12
C ASP A 620 -7.91 18.09 -8.08
N TYR A 621 -6.84 17.72 -8.77
CA TYR A 621 -6.50 16.29 -8.76
C TYR A 621 -5.02 16.18 -8.98
N THR A 622 -4.47 15.00 -8.70
CA THR A 622 -3.16 14.66 -9.25
C THR A 622 -3.21 13.35 -10.04
N LEU A 623 -2.37 13.24 -11.06
CA LEU A 623 -2.19 11.99 -11.79
C LEU A 623 -0.68 11.84 -12.04
N THR A 624 -0.08 10.82 -11.42
CA THR A 624 1.37 10.59 -11.50
C THR A 624 1.57 9.11 -11.83
N ALA A 625 2.78 8.74 -12.27
CA ALA A 625 3.07 7.33 -12.47
C ALA A 625 4.49 7.06 -12.03
N ASN A 626 4.80 5.79 -11.80
CA ASN A 626 6.04 5.39 -11.14
C ASN A 626 7.22 5.37 -12.09
N ASP A 627 7.06 5.80 -13.34
CA ASP A 627 8.22 6.15 -14.16
C ASP A 627 8.64 7.63 -13.96
N GLY A 628 8.01 8.33 -13.00
CA GLY A 628 8.25 9.74 -12.72
C GLY A 628 7.47 10.67 -13.64
N SER A 629 6.58 10.17 -14.49
CA SER A 629 5.73 11.04 -15.28
C SER A 629 4.58 11.60 -14.46
N ARG A 630 3.99 12.70 -14.95
CA ARG A 630 2.91 13.38 -14.23
C ARG A 630 2.04 14.16 -15.22
N LEU A 631 0.78 14.38 -14.88
CA LEU A 631 0.08 15.48 -15.54
C LEU A 631 0.38 16.78 -14.86
N GLU A 632 0.76 17.74 -15.70
CA GLU A 632 1.11 19.02 -15.13
C GLU A 632 0.28 20.05 -15.90
N ASN A 633 -0.59 20.75 -15.21
CA ASN A 633 -1.53 21.67 -15.88
C ASN A 633 -2.26 20.99 -17.07
N GLY A 634 -2.62 19.72 -16.88
CA GLY A 634 -3.32 18.97 -17.92
C GLY A 634 -2.44 18.28 -18.95
N GLN A 635 -1.12 18.52 -18.95
CA GLN A 635 -0.24 17.98 -19.99
C GLN A 635 0.69 16.93 -19.40
N ALA A 636 0.96 15.87 -20.16
CA ALA A 636 1.80 14.78 -19.62
C ALA A 636 3.25 15.15 -19.85
N VAL A 637 4.01 15.19 -18.76
CA VAL A 637 5.43 15.59 -18.89
C VAL A 637 6.32 14.58 -18.14
N GLY A 638 7.62 14.58 -18.40
CA GLY A 638 8.55 13.77 -17.61
C GLY A 638 8.57 12.30 -18.05
N GLY A 639 9.05 11.41 -17.19
CA GLY A 639 9.47 10.03 -17.56
C GLY A 639 10.87 10.00 -18.12
N PRO A 640 11.51 8.83 -18.12
CA PRO A 640 12.93 8.77 -18.49
C PRO A 640 13.19 9.24 -19.93
N GLN A 641 12.22 9.23 -20.82
CA GLN A 641 12.45 9.76 -22.16
C GLN A 641 11.87 11.18 -22.30
N ASN A 642 11.35 11.71 -21.20
CA ASN A 642 10.90 13.10 -21.15
C ASN A 642 9.82 13.40 -22.18
N ASP A 643 8.89 12.46 -22.33
CA ASP A 643 7.91 12.56 -23.36
C ASP A 643 6.51 12.39 -22.73
N GLY A 644 6.42 12.46 -21.41
CA GLY A 644 5.18 12.14 -20.73
C GLY A 644 5.05 10.69 -20.31
N GLY A 645 5.98 9.82 -20.71
CA GLY A 645 6.06 8.45 -20.25
C GLY A 645 4.73 7.71 -20.23
N LEU A 646 4.47 6.99 -19.15
CA LEU A 646 3.22 6.22 -19.03
C LEU A 646 1.95 7.09 -19.18
N LEU A 647 2.07 8.39 -18.93
CA LEU A 647 0.87 9.25 -18.97
C LEU A 647 0.69 10.00 -20.29
N LYS A 648 1.53 9.65 -21.27
CA LYS A 648 1.56 10.35 -22.57
C LYS A 648 0.15 10.54 -23.15
N ASN A 649 -0.73 9.55 -22.97
CA ASN A 649 -2.06 9.62 -23.55
C ASN A 649 -3.16 9.61 -22.49
N ALA A 650 -2.81 9.85 -21.23
CA ALA A 650 -3.81 9.77 -20.14
C ALA A 650 -4.55 11.10 -20.02
N LYS A 651 -5.86 11.04 -19.76
CA LYS A 651 -6.61 12.26 -19.51
C LYS A 651 -7.46 11.99 -18.28
N VAL A 652 -7.67 13.04 -17.47
CA VAL A 652 -8.58 12.99 -16.34
C VAL A 652 -9.76 13.90 -16.66
N LEU A 653 -10.97 13.33 -16.70
CA LEU A 653 -12.18 14.08 -17.07
C LEU A 653 -13.19 14.04 -15.93
N TYR A 654 -14.05 15.05 -15.92
CA TYR A 654 -15.03 15.11 -14.86
C TYR A 654 -16.36 15.49 -15.49
N ASP A 655 -17.34 14.59 -15.43
CA ASP A 655 -18.64 14.82 -16.05
C ASP A 655 -19.51 15.47 -14.96
N THR A 656 -19.94 16.71 -15.16
CA THR A 656 -20.60 17.47 -14.10
C THR A 656 -22.04 16.98 -13.87
N THR A 657 -22.68 16.47 -14.91
CA THR A 657 -24.05 15.96 -14.82
C THR A 657 -24.01 14.65 -14.06
N GLU A 658 -23.03 13.79 -14.40
CA GLU A 658 -22.99 12.46 -13.80
C GLU A 658 -22.21 12.47 -12.50
N LYS A 659 -21.58 13.60 -12.14
CA LYS A 659 -20.66 13.67 -10.98
C LYS A 659 -19.64 12.50 -11.03
N ARG A 660 -18.90 12.40 -12.12
CA ARG A 660 -18.06 11.23 -12.30
C ARG A 660 -16.71 11.61 -12.90
N ILE A 661 -15.64 11.07 -12.35
CA ILE A 661 -14.30 11.23 -12.89
C ILE A 661 -14.09 10.03 -13.80
N ARG A 662 -13.50 10.29 -14.96
CA ARG A 662 -12.94 9.21 -15.78
C ARG A 662 -11.45 9.47 -16.03
N VAL A 663 -10.69 8.38 -15.95
CA VAL A 663 -9.30 8.45 -16.42
C VAL A 663 -9.20 7.53 -17.62
N THR A 664 -8.82 8.09 -18.76
CA THR A 664 -8.67 7.39 -20.02
C THR A 664 -7.23 7.29 -20.44
N GLY A 665 -6.92 6.34 -21.33
CA GLY A 665 -5.63 6.28 -21.99
C GLY A 665 -4.55 5.61 -21.15
N LEU A 666 -4.89 4.58 -20.39
CA LEU A 666 -3.91 3.88 -19.56
C LEU A 666 -3.27 2.76 -20.36
N TYR A 667 -1.94 2.67 -20.31
CA TYR A 667 -1.16 1.62 -20.98
C TYR A 667 -0.10 1.17 -19.98
N LEU A 668 -0.26 -0.01 -19.36
CA LEU A 668 0.58 -0.48 -18.27
C LEU A 668 0.87 -1.97 -18.35
N GLY A 669 2.16 -2.23 -18.21
CA GLY A 669 2.70 -3.57 -18.03
C GLY A 669 3.19 -3.80 -16.63
N THR A 670 4.00 -4.83 -16.48
CA THR A 670 4.48 -5.26 -15.18
C THR A 670 5.29 -4.11 -14.55
N ASP A 671 5.11 -3.82 -13.27
CA ASP A 671 5.84 -2.76 -12.56
C ASP A 671 5.53 -1.35 -13.09
N GLU A 672 4.43 -1.16 -13.79
CA GLU A 672 4.01 0.16 -14.26
C GLU A 672 2.77 0.47 -13.51
N LYS A 673 2.78 1.60 -12.80
CA LYS A 673 1.69 1.89 -11.91
C LYS A 673 1.31 3.36 -11.96
N VAL A 674 0.01 3.66 -12.02
CA VAL A 674 -0.47 5.06 -12.07
C VAL A 674 -1.26 5.31 -10.78
N THR A 675 -1.20 6.54 -10.27
CA THR A 675 -1.91 7.02 -9.05
C THR A 675 -2.74 8.26 -9.33
N LEU A 676 -4.02 8.21 -8.94
CA LEU A 676 -4.88 9.36 -9.05
C LEU A 676 -5.23 9.81 -7.62
N THR A 677 -5.13 11.11 -7.32
CA THR A 677 -5.66 11.55 -6.02
C THR A 677 -6.64 12.71 -6.23
N TYR A 678 -7.60 12.91 -5.31
CA TYR A 678 -8.50 14.03 -5.38
C TYR A 678 -9.14 14.12 -3.98
N ASN A 679 -9.89 15.19 -3.75
CA ASN A 679 -10.45 15.44 -2.43
C ASN A 679 -11.95 15.41 -2.54
N VAL A 680 -12.60 14.92 -1.47
CA VAL A 680 -14.06 14.93 -1.36
C VAL A 680 -14.48 15.45 0.00
N ARG A 681 -15.77 15.79 0.05
CA ARG A 681 -16.41 16.25 1.23
C ARG A 681 -17.80 15.62 1.30
N LEU A 682 -18.13 15.16 2.51
CA LEU A 682 -19.53 14.81 2.78
C LEU A 682 -20.48 16.00 2.61
N ASN A 683 -21.53 15.81 1.83
CA ASN A 683 -22.50 16.84 1.61
C ASN A 683 -23.28 17.23 2.88
N ASP A 684 -23.62 18.50 3.01
CA ASP A 684 -24.30 19.00 4.19
C ASP A 684 -25.63 18.32 4.53
N GLU A 685 -26.23 17.57 3.60
CA GLU A 685 -27.59 17.04 3.82
C GLU A 685 -27.54 15.63 4.36
N PHE A 686 -26.35 15.20 4.79
CA PHE A 686 -26.17 13.84 5.30
C PHE A 686 -27.20 13.45 6.35
N VAL A 687 -27.42 12.15 6.46
CA VAL A 687 -28.14 11.64 7.63
C VAL A 687 -27.19 11.33 8.78
N SER A 688 -27.46 11.86 9.96
CA SER A 688 -26.59 11.64 11.11
C SER A 688 -26.23 10.15 11.29
N ASN A 689 -24.95 9.84 11.49
CA ASN A 689 -24.46 8.52 11.92
C ASN A 689 -24.30 7.48 10.80
N LYS A 690 -24.90 7.82 9.66
CA LYS A 690 -24.98 6.98 8.47
C LYS A 690 -23.71 7.00 7.61
N PHE A 691 -23.26 5.82 7.22
CA PHE A 691 -22.05 5.70 6.42
C PHE A 691 -22.39 5.82 4.94
N TYR A 692 -21.70 6.71 4.25
CA TYR A 692 -21.91 6.89 2.80
C TYR A 692 -20.69 6.35 2.07
N ASP A 693 -20.89 5.50 1.06
CA ASP A 693 -19.80 5.17 0.10
C ASP A 693 -19.28 6.45 -0.56
N THR A 694 -17.94 6.55 -0.64
CA THR A 694 -17.33 7.72 -1.28
C THR A 694 -17.55 7.75 -2.76
N ASN A 695 -17.81 6.57 -3.35
CA ASN A 695 -17.98 6.44 -4.78
C ASN A 695 -19.19 5.59 -5.12
N GLY A 696 -19.68 5.70 -6.34
CA GLY A 696 -20.63 4.71 -6.85
C GLY A 696 -19.76 3.55 -7.32
N ARG A 697 -20.32 2.71 -8.18
CA ARG A 697 -19.51 1.58 -8.72
C ARG A 697 -18.28 2.10 -9.47
N THR A 698 -17.10 1.81 -8.90
CA THR A 698 -15.80 2.20 -9.42
C THR A 698 -15.09 1.10 -10.20
N THR A 699 -14.72 1.33 -11.46
CA THR A 699 -14.33 0.22 -12.35
C THR A 699 -13.07 0.56 -13.11
N LEU A 700 -12.35 -0.51 -13.44
CA LEU A 700 -11.30 -0.44 -14.44
C LEU A 700 -11.74 -1.28 -15.63
N HIS A 701 -11.73 -0.70 -16.83
CA HIS A 701 -11.83 -1.52 -18.04
C HIS A 701 -10.37 -1.62 -18.47
N PRO A 702 -9.72 -2.80 -18.33
CA PRO A 702 -8.31 -2.85 -18.71
C PRO A 702 -8.04 -2.55 -20.18
N LYS A 703 -9.00 -2.79 -21.07
CA LYS A 703 -8.77 -2.62 -22.52
C LYS A 703 -10.06 -2.03 -23.10
N GLU A 704 -10.02 -0.87 -23.75
CA GLU A 704 -11.21 -0.39 -24.48
C GLU A 704 -11.67 -1.39 -25.52
N VAL A 705 -10.75 -2.15 -26.11
CA VAL A 705 -11.10 -3.24 -27.03
C VAL A 705 -12.07 -4.27 -26.38
N GLU A 706 -11.95 -4.59 -25.08
CA GLU A 706 -12.87 -5.48 -24.40
C GLU A 706 -13.83 -4.72 -23.48
N GLN A 707 -14.92 -4.22 -24.04
CA GLN A 707 -15.93 -3.52 -23.24
C GLN A 707 -16.71 -4.28 -22.13
N ASN A 708 -16.69 -5.60 -22.19
CA ASN A 708 -17.34 -6.33 -21.10
C ASN A 708 -16.40 -6.90 -20.06
N THR A 709 -15.11 -6.58 -20.13
CA THR A 709 -14.18 -6.95 -19.05
C THR A 709 -14.04 -5.76 -18.14
N VAL A 710 -14.62 -5.89 -16.94
CA VAL A 710 -14.75 -4.83 -15.98
C VAL A 710 -14.25 -5.41 -14.66
N ARG A 711 -13.38 -4.65 -14.03
CA ARG A 711 -12.92 -4.98 -12.68
C ARG A 711 -13.32 -3.87 -11.69
N ASP A 712 -13.95 -4.23 -10.57
CA ASP A 712 -14.32 -3.33 -9.50
C ASP A 712 -13.16 -2.94 -8.58
N PHE A 713 -13.12 -1.67 -8.22
CA PHE A 713 -12.32 -1.16 -7.10
C PHE A 713 -13.09 -1.34 -5.79
N PRO A 714 -12.36 -1.51 -4.67
CA PRO A 714 -13.08 -1.55 -3.39
C PRO A 714 -13.48 -0.13 -2.92
N ILE A 715 -14.44 0.06 -2.01
CA ILE A 715 -15.05 1.39 -1.75
C ILE A 715 -15.04 1.84 -0.25
N PRO A 716 -14.41 2.99 0.08
CA PRO A 716 -14.42 3.59 1.41
C PRO A 716 -15.77 4.22 1.75
N LYS A 717 -15.95 4.53 3.04
CA LYS A 717 -17.21 5.10 3.52
C LYS A 717 -16.89 6.24 4.47
N ILE A 718 -17.75 7.25 4.54
CA ILE A 718 -17.54 8.33 5.51
C ILE A 718 -18.90 8.68 6.09
N ARG A 719 -18.87 9.20 7.33
CA ARG A 719 -20.10 9.68 7.96
C ARG A 719 -19.83 10.89 8.84
N ASP A 720 -20.90 11.47 9.37
CA ASP A 720 -20.80 12.50 10.42
C ASP A 720 -22.03 12.39 11.32
N VAL A 721 -22.02 13.08 12.45
CA VAL A 721 -23.16 13.05 13.37
C VAL A 721 -23.65 14.50 13.47
N ARG A 722 -24.94 14.71 13.27
CA ARG A 722 -25.43 16.06 13.18
C ARG A 722 -25.48 16.72 14.56
N LYS A 723 -25.14 18.00 14.64
CA LYS A 723 -25.30 18.76 15.89
C LYS A 723 -26.76 19.10 16.19
N TYR A 724 -27.06 19.19 17.47
CA TYR A 724 -28.44 19.52 17.83
C TYR A 724 -28.54 20.95 18.37
N PRO A 725 -29.68 21.61 18.12
CA PRO A 725 -29.94 22.93 18.72
C PRO A 725 -30.26 22.91 20.21
N GLU A 726 -29.63 23.83 20.94
CA GLU A 726 -29.89 24.11 22.36
C GLU A 726 -30.34 25.56 22.54
N ILE A 727 -31.62 25.73 22.85
CA ILE A 727 -32.13 27.04 23.29
C ILE A 727 -31.86 27.29 24.77
N THR A 728 -31.30 28.46 25.05
CA THR A 728 -31.17 28.94 26.40
C THR A 728 -32.23 30.03 26.63
N ILE A 729 -33.08 29.77 27.62
CA ILE A 729 -34.08 30.76 28.03
C ILE A 729 -33.67 31.47 29.31
N SER A 730 -33.52 32.78 29.17
CA SER A 730 -33.40 33.67 30.31
C SER A 730 -34.77 34.00 30.93
N LYS A 731 -35.00 33.50 32.14
CA LYS A 731 -36.32 33.65 32.75
C LYS A 731 -36.36 34.89 33.67
N GLU A 732 -37.52 35.54 33.78
CA GLU A 732 -37.68 36.67 34.72
C GLU A 732 -38.30 36.20 36.04
N LYS A 733 -37.61 36.46 37.14
CA LYS A 733 -38.21 36.27 38.47
C LYS A 733 -39.62 36.87 38.49
N LYS A 734 -40.61 36.10 38.95
CA LYS A 734 -41.95 36.67 39.12
C LYS A 734 -42.13 37.41 40.43
N LEU A 735 -42.87 38.51 40.35
CA LEU A 735 -43.14 39.28 41.55
C LEU A 735 -44.62 39.21 41.96
N GLY A 736 -44.88 39.41 43.25
CA GLY A 736 -46.24 39.35 43.75
C GLY A 736 -47.12 40.53 43.42
N ASP A 737 -48.42 40.22 43.40
CA ASP A 737 -49.49 41.21 43.34
C ASP A 737 -50.76 40.78 44.10
N ILE A 738 -51.49 41.77 44.62
CA ILE A 738 -52.65 41.55 45.48
C ILE A 738 -53.44 42.86 45.49
N GLU A 739 -54.76 42.74 45.43
CA GLU A 739 -55.62 43.91 45.38
C GLU A 739 -56.75 43.74 46.41
N PHE A 740 -57.08 44.82 47.12
CA PHE A 740 -58.12 44.82 48.16
C PHE A 740 -59.13 45.90 47.73
N ILE A 741 -60.40 45.68 48.06
CA ILE A 741 -61.43 46.67 47.80
C ILE A 741 -61.92 47.14 49.17
N LYS A 742 -61.75 48.44 49.42
CA LYS A 742 -62.28 49.08 50.64
C LYS A 742 -63.79 49.27 50.48
N VAL A 743 -64.58 48.77 51.42
CA VAL A 743 -66.04 48.84 51.30
C VAL A 743 -66.76 49.18 52.60
N ASN A 744 -68.00 49.64 52.44
CA ASN A 744 -68.95 49.68 53.52
C ASN A 744 -69.23 48.25 54.04
N LYS A 745 -69.13 48.06 55.37
CA LYS A 745 -69.34 46.78 56.06
C LYS A 745 -70.75 46.25 55.73
N ASN A 746 -71.75 47.11 55.80
CA ASN A 746 -73.16 46.73 55.63
C ASN A 746 -73.69 46.39 54.23
N ASP A 747 -73.25 47.11 53.19
CA ASP A 747 -73.80 46.91 51.84
C ASP A 747 -72.72 46.57 50.83
N LYS A 748 -71.49 46.45 51.31
CA LYS A 748 -70.33 46.07 50.50
C LYS A 748 -70.15 46.95 49.29
N LYS A 749 -70.61 48.20 49.34
CA LYS A 749 -70.22 49.17 48.30
C LYS A 749 -68.81 49.76 48.46
N PRO A 750 -68.15 50.12 47.35
CA PRO A 750 -66.76 50.63 47.39
C PRO A 750 -66.63 52.03 47.97
N LEU A 751 -65.54 52.29 48.68
CA LEU A 751 -65.35 53.58 49.38
C LEU A 751 -64.16 54.41 48.95
N ARG A 752 -64.42 55.68 48.65
CA ARG A 752 -63.39 56.60 48.19
C ARG A 752 -62.83 57.34 49.41
N GLY A 753 -61.54 57.62 49.40
CA GLY A 753 -61.01 58.50 50.41
C GLY A 753 -60.45 57.83 51.65
N ALA A 754 -60.33 56.49 51.67
CA ALA A 754 -59.57 55.87 52.78
C ALA A 754 -58.08 55.94 52.43
N VAL A 755 -57.22 55.94 53.45
CA VAL A 755 -55.77 56.06 53.23
C VAL A 755 -55.06 54.88 53.90
N PHE A 756 -54.21 54.17 53.16
CA PHE A 756 -53.55 52.98 53.67
C PHE A 756 -52.06 53.06 53.35
N SER A 757 -51.24 52.31 54.10
CA SER A 757 -49.83 52.22 53.84
C SER A 757 -49.47 50.74 53.93
N LEU A 758 -48.75 50.26 52.93
CA LEU A 758 -48.24 48.88 52.92
C LEU A 758 -46.86 48.80 53.55
N GLN A 759 -46.72 48.08 54.67
CA GLN A 759 -45.42 47.90 55.32
C GLN A 759 -44.77 46.58 54.96
N LYS A 760 -43.43 46.56 54.97
CA LYS A 760 -42.67 45.34 54.71
C LYS A 760 -41.77 45.03 55.90
N GLN A 761 -41.64 43.75 56.23
CA GLN A 761 -40.75 43.32 57.31
C GLN A 761 -39.30 43.70 56.93
N HIS A 762 -38.56 44.25 57.89
CA HIS A 762 -37.16 44.58 57.65
C HIS A 762 -36.33 43.28 57.56
N PRO A 763 -35.46 43.16 56.53
CA PRO A 763 -34.68 41.95 56.27
C PRO A 763 -33.92 41.42 57.50
N ASP A 764 -33.35 42.32 58.30
CA ASP A 764 -32.64 41.97 59.53
C ASP A 764 -33.56 41.64 60.71
N TYR A 765 -34.22 42.66 61.29
CA TYR A 765 -35.11 42.50 62.45
C TYR A 765 -36.53 42.00 62.10
N PRO A 766 -37.01 40.96 62.81
CA PRO A 766 -38.32 40.40 62.48
C PRO A 766 -39.54 41.22 62.91
N ASP A 767 -39.61 41.63 64.19
CA ASP A 767 -40.65 42.50 64.74
C ASP A 767 -40.34 43.95 64.38
N ILE A 768 -40.68 44.37 63.17
CA ILE A 768 -40.28 45.67 62.66
C ILE A 768 -40.60 45.57 61.18
N TYR A 769 -41.70 46.24 60.85
CA TYR A 769 -42.14 46.40 59.48
C TYR A 769 -41.87 47.87 59.23
N GLY A 770 -41.55 48.26 58.00
CA GLY A 770 -41.25 49.66 57.69
C GLY A 770 -41.75 49.96 56.28
N ALA A 771 -41.49 51.17 55.77
CA ALA A 771 -41.84 51.47 54.39
C ALA A 771 -41.11 50.49 53.47
N ILE A 772 -41.60 50.35 52.24
CA ILE A 772 -41.00 49.43 51.27
C ILE A 772 -39.66 49.97 50.74
N ASP A 773 -39.66 51.20 50.24
CA ASP A 773 -38.46 51.90 49.84
C ASP A 773 -38.49 53.30 50.44
N GLN A 774 -37.50 54.13 50.14
CA GLN A 774 -37.55 55.50 50.64
C GLN A 774 -38.15 56.52 49.68
N ASN A 775 -38.65 56.08 48.52
CA ASN A 775 -39.30 57.00 47.57
C ASN A 775 -40.64 57.53 48.08
N GLY A 776 -41.71 56.77 47.87
CA GLY A 776 -42.94 56.96 48.61
C GLY A 776 -43.91 55.83 48.34
N THR A 777 -43.35 54.67 48.00
CA THR A 777 -44.13 53.60 47.39
C THR A 777 -45.12 52.85 48.29
N TYR A 778 -46.38 52.94 47.88
CA TYR A 778 -47.51 52.36 48.62
C TYR A 778 -47.59 52.91 50.05
N GLN A 779 -47.27 54.19 50.20
CA GLN A 779 -47.38 54.89 51.47
C GLN A 779 -48.47 55.94 51.25
N ASN A 780 -49.44 55.99 52.15
CA ASN A 780 -50.56 56.95 52.04
C ASN A 780 -51.31 56.82 50.73
N VAL A 781 -51.72 55.61 50.38
CA VAL A 781 -52.45 55.47 49.13
C VAL A 781 -53.91 55.73 49.48
N ARG A 782 -54.53 56.60 48.69
CA ARG A 782 -55.89 57.03 48.95
C ARG A 782 -56.76 56.31 47.92
N THR A 783 -57.82 55.63 48.37
CA THR A 783 -58.74 54.95 47.46
C THR A 783 -59.57 55.92 46.61
N GLY A 784 -59.89 55.50 45.39
CA GLY A 784 -60.76 56.23 44.44
C GLY A 784 -62.19 55.70 44.50
N GLU A 785 -63.04 56.04 43.53
CA GLU A 785 -64.44 55.61 43.63
C GLU A 785 -64.62 54.11 43.59
N ASP A 786 -63.68 53.39 42.98
CA ASP A 786 -63.75 51.93 42.93
C ASP A 786 -63.35 51.22 44.23
N GLY A 787 -62.82 51.95 45.21
CA GLY A 787 -62.44 51.38 46.49
C GLY A 787 -61.10 50.63 46.46
N LYS A 788 -60.47 50.57 45.29
CA LYS A 788 -59.30 49.67 45.10
C LYS A 788 -57.98 50.12 45.67
N LEU A 789 -57.34 49.22 46.40
CA LEU A 789 -55.93 49.32 46.75
C LEU A 789 -55.13 48.25 46.03
N THR A 790 -54.42 48.63 44.98
CA THR A 790 -53.76 47.71 44.04
C THR A 790 -52.24 47.72 44.24
N PHE A 791 -51.71 46.59 44.72
CA PHE A 791 -50.28 46.36 44.89
C PHE A 791 -49.70 45.35 43.88
N LYS A 792 -48.57 45.71 43.25
CA LYS A 792 -47.96 44.82 42.27
C LYS A 792 -46.44 45.02 42.35
N ASN A 793 -45.67 44.16 41.67
CA ASN A 793 -44.20 44.21 41.69
C ASN A 793 -43.61 44.06 43.10
N LEU A 794 -44.24 43.20 43.89
CA LEU A 794 -43.85 43.01 45.29
C LEU A 794 -42.80 41.91 45.46
N SER A 795 -41.70 42.23 46.13
CA SER A 795 -40.64 41.28 46.47
C SER A 795 -41.10 40.25 47.51
N ASP A 796 -40.35 39.16 47.60
CA ASP A 796 -40.63 38.15 48.62
C ASP A 796 -40.50 38.67 50.05
N GLY A 797 -41.33 38.13 50.95
CA GLY A 797 -41.22 38.46 52.38
C GLY A 797 -42.58 38.70 53.03
N LYS A 798 -42.53 39.24 54.25
CA LYS A 798 -43.73 39.52 55.04
C LYS A 798 -44.20 40.98 54.95
N TYR A 799 -45.52 41.16 54.84
CA TYR A 799 -46.19 42.45 54.64
C TYR A 799 -47.33 42.62 55.64
N ARG A 800 -47.57 43.89 55.98
CA ARG A 800 -48.65 44.34 56.87
C ARG A 800 -49.28 45.60 56.27
N LEU A 801 -50.57 45.52 55.95
CA LEU A 801 -51.29 46.66 55.40
C LEU A 801 -51.95 47.43 56.56
N PHE A 802 -51.70 48.74 56.65
CA PHE A 802 -52.24 49.55 57.73
C PHE A 802 -53.26 50.49 57.12
N GLU A 803 -54.38 50.66 57.84
CA GLU A 803 -55.31 51.75 57.53
C GLU A 803 -54.86 53.05 58.21
N ASN A 804 -54.49 54.07 57.43
CA ASN A 804 -54.04 55.28 58.14
C ASN A 804 -55.27 56.08 58.58
N SER A 805 -56.26 56.18 57.70
CA SER A 805 -57.47 56.91 58.02
C SER A 805 -58.70 56.37 57.27
N GLU A 806 -59.82 56.24 57.97
CA GLU A 806 -61.10 55.83 57.43
C GLU A 806 -61.62 56.91 56.47
N PRO A 807 -62.56 56.58 55.60
CA PRO A 807 -63.14 57.69 54.83
C PRO A 807 -64.19 58.45 55.61
N ALA A 808 -64.53 59.67 55.16
CA ALA A 808 -65.50 60.55 55.79
C ALA A 808 -66.77 59.72 55.92
N GLY A 809 -67.49 59.83 57.05
CA GLY A 809 -68.70 59.05 57.29
C GLY A 809 -68.55 57.67 57.93
N TYR A 810 -67.29 57.31 58.23
CA TYR A 810 -67.01 55.98 58.78
C TYR A 810 -66.40 56.11 60.17
N LYS A 811 -66.62 55.10 61.01
CA LYS A 811 -65.97 55.07 62.33
C LYS A 811 -64.45 55.23 62.22
N PRO A 812 -63.84 56.16 63.00
CA PRO A 812 -62.40 56.39 62.88
C PRO A 812 -61.59 55.11 63.07
N VAL A 813 -60.62 55.00 62.19
CA VAL A 813 -59.58 53.98 62.21
C VAL A 813 -58.31 54.81 61.93
N GLN A 814 -57.49 55.05 62.95
CA GLN A 814 -56.29 55.87 62.86
C GLN A 814 -55.02 55.00 63.01
N ASN A 815 -54.31 54.78 61.90
CA ASN A 815 -53.08 53.97 61.85
C ASN A 815 -53.19 52.62 62.54
N LYS A 816 -54.04 51.75 62.01
CA LYS A 816 -54.27 50.43 62.62
C LYS A 816 -53.80 49.32 61.65
N PRO A 817 -53.15 48.24 62.16
CA PRO A 817 -52.86 47.08 61.31
C PRO A 817 -54.17 46.40 60.85
N ILE A 818 -54.29 46.06 59.57
CA ILE A 818 -55.50 45.39 59.06
C ILE A 818 -55.23 43.96 58.59
N VAL A 819 -54.31 43.80 57.63
CA VAL A 819 -54.07 42.50 57.02
C VAL A 819 -52.58 42.20 57.02
N ALA A 820 -52.28 40.92 57.26
CA ALA A 820 -50.94 40.34 57.08
C ALA A 820 -50.97 39.36 55.93
N PHE A 821 -49.87 39.30 55.19
CA PHE A 821 -49.72 38.24 54.18
C PHE A 821 -48.24 38.11 53.85
N GLN A 822 -47.90 37.07 53.09
CA GLN A 822 -46.55 36.79 52.62
C GLN A 822 -46.52 36.63 51.10
N ILE A 823 -45.42 37.08 50.48
CA ILE A 823 -45.16 36.76 49.08
C ILE A 823 -43.98 35.75 49.10
N VAL A 824 -44.20 34.58 48.52
CA VAL A 824 -43.19 33.52 48.42
C VAL A 824 -43.18 32.99 47.00
N ASN A 825 -41.99 33.00 46.39
CA ASN A 825 -41.81 32.65 44.97
C ASN A 825 -42.79 33.45 44.12
N GLY A 826 -42.89 34.75 44.42
CA GLY A 826 -43.83 35.70 43.79
C GLY A 826 -45.31 35.42 43.93
N GLU A 827 -45.69 34.56 44.86
CA GLU A 827 -47.10 34.33 45.14
C GLU A 827 -47.55 34.81 46.52
N VAL A 828 -48.79 35.30 46.55
CA VAL A 828 -49.43 35.68 47.79
C VAL A 828 -49.72 34.43 48.64
N ARG A 829 -49.23 34.43 49.88
CA ARG A 829 -49.50 33.34 50.85
C ARG A 829 -50.01 33.89 52.19
N ASP A 830 -50.76 33.06 52.91
CA ASP A 830 -51.16 33.28 54.31
C ASP A 830 -51.80 34.65 54.58
N VAL A 831 -52.82 34.98 53.82
CA VAL A 831 -53.47 36.28 53.95
C VAL A 831 -54.39 36.20 55.16
N THR A 832 -54.05 36.98 56.20
CA THR A 832 -54.72 36.90 57.50
C THR A 832 -55.10 38.28 58.06
N SER A 833 -56.15 38.33 58.86
CA SER A 833 -56.57 39.59 59.49
C SER A 833 -55.67 39.83 60.70
N ILE A 834 -55.18 41.05 60.87
CA ILE A 834 -54.50 41.40 62.12
C ILE A 834 -55.17 42.61 62.77
N VAL A 835 -56.45 42.85 62.47
CA VAL A 835 -57.20 43.95 63.08
C VAL A 835 -57.21 43.73 64.59
N PRO A 836 -56.78 44.75 65.36
CA PRO A 836 -56.97 44.62 66.80
C PRO A 836 -58.45 44.51 67.25
N GLN A 837 -58.65 43.87 68.40
CA GLN A 837 -59.96 43.72 69.02
C GLN A 837 -60.73 45.04 69.08
N ASP A 838 -62.00 45.02 68.69
CA ASP A 838 -62.85 46.23 68.79
C ASP A 838 -62.60 47.39 67.83
N ILE A 839 -61.59 47.29 66.97
CA ILE A 839 -61.41 48.28 65.90
C ILE A 839 -62.46 48.01 64.83
N PRO A 840 -63.09 49.08 64.30
CA PRO A 840 -64.14 48.88 63.30
C PRO A 840 -63.68 48.74 61.84
N ALA A 841 -62.59 48.01 61.59
CA ALA A 841 -62.20 47.65 60.23
C ALA A 841 -62.22 46.11 60.19
N GLY A 842 -62.44 45.51 59.02
CA GLY A 842 -62.26 44.05 58.99
C GLY A 842 -61.73 43.62 57.65
N TYR A 843 -61.26 42.38 57.58
CA TYR A 843 -60.81 41.76 56.35
C TYR A 843 -61.83 40.66 56.06
N GLU A 844 -62.19 40.50 54.78
CA GLU A 844 -63.04 39.39 54.35
C GLU A 844 -62.57 38.96 52.95
N PHE A 845 -62.78 37.69 52.71
CA PHE A 845 -62.37 37.05 51.46
C PHE A 845 -63.65 36.46 50.85
N THR A 846 -64.17 37.08 49.79
CA THR A 846 -65.51 36.68 49.32
C THR A 846 -65.54 36.66 47.81
N ASN A 847 -65.99 35.53 47.30
CA ASN A 847 -66.21 35.39 45.86
C ASN A 847 -64.90 35.84 45.16
N ASP A 848 -63.78 35.24 45.60
CA ASP A 848 -62.45 35.45 45.03
C ASP A 848 -61.79 36.84 45.24
N LYS A 849 -62.35 37.71 46.07
CA LYS A 849 -61.82 39.08 46.21
C LYS A 849 -61.50 39.40 47.66
N HIS A 850 -60.47 40.20 47.91
CA HIS A 850 -60.08 40.57 49.25
C HIS A 850 -60.77 41.93 49.51
N TYR A 851 -61.52 41.98 50.60
CA TYR A 851 -62.28 43.16 50.96
C TYR A 851 -61.71 43.67 52.28
N ILE A 852 -61.64 44.99 52.41
CA ILE A 852 -61.49 45.58 53.74
C ILE A 852 -62.71 46.43 54.09
N THR A 853 -63.35 46.09 55.21
CA THR A 853 -64.60 46.78 55.56
C THR A 853 -64.38 47.99 56.51
N ASN A 854 -65.22 49.01 56.36
CA ASN A 854 -65.41 50.10 57.32
C ASN A 854 -66.85 50.19 57.76
N GLU A 855 -67.04 50.44 59.06
CA GLU A 855 -68.39 50.55 59.61
C GLU A 855 -68.76 52.02 59.53
N PRO A 856 -69.92 52.32 58.92
CA PRO A 856 -70.45 53.69 58.91
C PRO A 856 -70.78 54.18 60.32
N ILE A 857 -70.63 55.49 60.52
CA ILE A 857 -71.03 56.11 61.78
C ILE A 857 -72.54 55.93 61.80
N PRO A 858 -73.09 55.39 62.91
CA PRO A 858 -74.52 55.07 62.98
C PRO A 858 -75.29 56.32 63.35
N PRO A 859 -76.61 56.32 63.19
CA PRO A 859 -77.41 57.47 63.64
C PRO A 859 -77.08 57.92 65.07
N LYS A 860 -76.91 59.23 65.24
CA LYS A 860 -76.68 59.90 66.55
C LYS A 860 -77.87 59.78 67.51
#